data_6MHR
#
_entry.id   6MHR
#
_cell.length_a   77.148
_cell.length_b   192.058
_cell.length_c   344.581
_cell.angle_alpha   90.000
_cell.angle_beta   90.000
_cell.angle_gamma   90.000
#
_symmetry.space_group_name_H-M   'C 2 2 21'
#
loop_
_entity.id
_entity.type
_entity.pdbx_description
1 polymer 'Urelumab Fab heavy chain'
2 polymer 'Urelumab Fab kappa chain'
3 polymer 'Tumor necrosis factor receptor superfamily member 9'
4 branched beta-D-mannopyranose-(1-4)-2-acetamido-2-deoxy-beta-D-glucopyranose-(1-4)-[alpha-L-fucopyranose-(1-3)][alpha-L-fucopyranose-(1-6)]2-acetamido-2-deoxy-beta-D-glucopyranose
5 branched alpha-L-fucopyranose-(1-3)-[2-acetamido-2-deoxy-beta-D-glucopyranose-(1-4)][alpha-L-fucopyranose-(1-6)]2-acetamido-2-deoxy-beta-D-glucopyranose
6 non-polymer GLYCEROL
7 non-polymer 'MALONATE ION'
8 non-polymer '4-(2-HYDROXYETHYL)-1-PIPERAZINE ETHANESULFONIC ACID'
9 water water
#
loop_
_entity_poly.entity_id
_entity_poly.type
_entity_poly.pdbx_seq_one_letter_code
_entity_poly.pdbx_strand_id
1 'polypeptide(L)'
;QVQLQQWGAGLLKPSETLSLTCAVYGGSFSGYYWSWIRQSPEKGLEWIGEINHGGYVTYNPSLESRVTISVDTSKNQFSL
KLSSVTAADTAVYYCARDYGPGNYDWYFDLWGRGTLVTVSSASTKGPSVFPLAPSSKSTSGGTAALGCLVKDYFPEPVTV
SWNSGALTSGVHTFPAVLQSSGLYSLSSVVTVPSSSLGTQTYICNVNHKPSNTKVDKKVEPKSCAAAHHHHHHHH
;
D,A
2 'polypeptide(L)'
;EIVLTQSPATLSLSPGERATLSCRASQSVSSYLAWYQQKPGQAPRLLIYDASNRATGIPARFSGSGSGTDFTLTISSLEP
EDFAVYYCQQRSNWPPALTFGGGTKVEIKRTVAAPSVFIFPPSDEQLKSGTASVVCLLNNFYPREAKVQWKVDNALQSGN
SQESVTEQDSKDSTYSLSSTLTLSKADYEKHKVYACEVTHQGLSSPVTKSFNRGEC
;
E,B
3 'polypeptide(L)'
;QDPCSNCPAGTFCDNNRNQICSPCPPNSFSSAGGQRTCDICRQCKGVFRTRKECSSTSNAECDCTPGFHCLGAGCSMCEQ
DCKQGQELTKKGCKDCCFGTFNDQKRGICRPWTNCSLDGKSVLVNGTKERDVVCGPSPENLYFQ
;
F,C
#
loop_
_chem_comp.id
_chem_comp.type
_chem_comp.name
_chem_comp.formula
BMA D-saccharide, beta linking beta-D-mannopyranose 'C6 H12 O6'
EPE non-polymer '4-(2-HYDROXYETHYL)-1-PIPERAZINE ETHANESULFONIC ACID' 'C8 H18 N2 O4 S'
FUC L-saccharide, alpha linking alpha-L-fucopyranose 'C6 H12 O5'
GOL non-polymer GLYCEROL 'C3 H8 O3'
MLI non-polymer 'MALONATE ION' 'C3 H2 O4 -2'
NAG D-saccharide, beta linking 2-acetamido-2-deoxy-beta-D-glucopyranose 'C8 H15 N O6'
#
# COMPACT_ATOMS: atom_id res chain seq x y z
N GLN A 1 -15.55 -19.25 31.61
CA GLN A 1 -16.63 -18.43 31.07
C GLN A 1 -16.07 -17.17 30.41
N VAL A 2 -15.25 -17.40 29.37
CA VAL A 2 -14.73 -16.39 28.46
C VAL A 2 -15.68 -16.24 27.27
N GLN A 3 -15.73 -15.05 26.69
CA GLN A 3 -16.64 -14.85 25.56
C GLN A 3 -16.26 -13.62 24.75
N LEU A 4 -16.54 -13.68 23.46
CA LEU A 4 -16.11 -12.66 22.50
C LEU A 4 -17.32 -11.98 21.88
N GLN A 5 -17.28 -10.67 21.85
CA GLN A 5 -18.30 -9.86 21.22
C GLN A 5 -17.64 -9.14 20.07
N GLN A 6 -18.26 -9.13 18.90
CA GLN A 6 -17.71 -8.38 17.79
C GLN A 6 -18.75 -7.41 17.23
N TRP A 7 -18.26 -6.34 16.62
CA TRP A 7 -19.12 -5.36 15.99
C TRP A 7 -18.40 -4.67 14.86
N GLY A 8 -19.17 -3.99 14.01
CA GLY A 8 -18.60 -3.09 13.03
C GLY A 8 -19.51 -2.95 11.83
N ALA A 9 -19.03 -2.16 10.86
CA ALA A 9 -19.82 -1.86 9.67
C ALA A 9 -20.18 -3.13 8.90
N GLY A 10 -21.43 -3.22 8.46
CA GLY A 10 -21.83 -4.39 7.71
C GLY A 10 -22.14 -4.19 6.24
N LEU A 11 -22.05 -2.95 5.76
CA LEU A 11 -22.42 -2.67 4.36
C LEU A 11 -21.50 -1.59 3.81
N LEU A 12 -20.66 -1.97 2.83
CA LEU A 12 -19.65 -1.09 2.29
C LEU A 12 -19.72 -1.06 0.78
N LYS A 13 -19.27 0.02 0.20
CA LYS A 13 -19.15 0.11 -1.25
C LYS A 13 -17.77 -0.36 -1.65
N PRO A 14 -17.57 -0.78 -2.89
CA PRO A 14 -16.22 -1.18 -3.31
C PRO A 14 -15.25 -0.01 -3.16
N SER A 15 -13.97 -0.36 -3.00
CA SER A 15 -12.82 0.54 -2.77
C SER A 15 -12.73 1.03 -1.33
N GLU A 16 -13.80 0.87 -0.55
CA GLU A 16 -13.83 1.32 0.83
C GLU A 16 -13.03 0.36 1.71
N THR A 17 -13.19 0.47 3.03
CA THR A 17 -12.33 -0.25 3.95
C THR A 17 -13.20 -0.98 4.96
N LEU A 18 -13.01 -2.29 5.05
CA LEU A 18 -13.68 -3.10 6.04
C LEU A 18 -13.01 -2.89 7.40
N SER A 19 -13.83 -2.66 8.43
CA SER A 19 -13.29 -2.44 9.76
C SER A 19 -14.18 -3.15 10.75
N LEU A 20 -13.56 -3.93 11.64
CA LEU A 20 -14.27 -4.75 12.60
C LEU A 20 -13.45 -4.82 13.87
N THR A 21 -14.11 -5.13 14.98
CA THR A 21 -13.49 -5.12 16.30
C THR A 21 -14.08 -6.22 17.16
N CYS A 22 -13.20 -6.88 17.90
CA CYS A 22 -13.53 -7.98 18.80
C CYS A 22 -13.09 -7.60 20.19
N ALA A 23 -13.87 -7.98 21.19
CA ALA A 23 -13.62 -7.65 22.58
C ALA A 23 -13.70 -8.91 23.39
N VAL A 24 -12.68 -9.17 24.22
CA VAL A 24 -12.60 -10.35 25.05
C VAL A 24 -13.14 -10.01 26.43
N TYR A 25 -14.07 -10.83 26.94
CA TYR A 25 -14.69 -10.59 28.23
C TYR A 25 -14.49 -11.80 29.13
N GLY A 26 -13.82 -11.59 30.25
CA GLY A 26 -13.83 -12.54 31.32
C GLY A 26 -12.63 -13.46 31.43
N GLY A 27 -11.51 -13.10 30.80
CA GLY A 27 -10.30 -13.88 30.92
C GLY A 27 -9.14 -12.96 30.62
N SER A 28 -7.94 -13.48 30.82
CA SER A 28 -6.77 -12.72 30.45
C SER A 28 -6.65 -12.65 28.93
N PHE A 29 -5.84 -11.71 28.47
CA PHE A 29 -5.62 -11.49 27.05
C PHE A 29 -4.23 -11.88 26.61
N SER A 30 -3.29 -12.06 27.55
CA SER A 30 -1.89 -12.14 27.15
C SER A 30 -1.51 -13.55 26.70
N GLY A 31 -2.09 -14.57 27.34
CA GLY A 31 -1.52 -15.90 27.07
C GLY A 31 -1.85 -16.56 25.74
N TYR A 32 -2.54 -15.86 24.84
CA TYR A 32 -3.22 -16.46 23.70
C TYR A 32 -2.89 -15.71 22.41
N TYR A 33 -3.12 -16.37 21.28
CA TYR A 33 -3.16 -15.68 19.99
C TYR A 33 -4.60 -15.52 19.53
N TRP A 34 -4.90 -14.36 18.93
CA TRP A 34 -6.26 -13.98 18.56
C TRP A 34 -6.35 -13.83 17.05
N SER A 35 -7.29 -14.53 16.44
CA SER A 35 -7.36 -14.72 14.99
C SER A 35 -8.62 -14.11 14.42
N TRP A 36 -8.53 -13.75 13.14
CA TRP A 36 -9.69 -13.36 12.36
C TRP A 36 -9.87 -14.38 11.25
N ILE A 37 -11.08 -14.91 11.12
CA ILE A 37 -11.40 -15.94 10.13
C ILE A 37 -12.69 -15.54 9.42
N ARG A 38 -12.71 -15.65 8.09
CA ARG A 38 -13.92 -15.30 7.34
C ARG A 38 -14.45 -16.52 6.59
N GLN A 39 -15.76 -16.51 6.35
CA GLN A 39 -16.46 -17.63 5.71
C GLN A 39 -17.34 -17.08 4.61
N SER A 40 -17.08 -17.50 3.38
CA SER A 40 -17.69 -17.19 2.09
C SER A 40 -18.49 -18.38 1.60
N PRO A 41 -19.62 -18.17 0.92
CA PRO A 41 -20.23 -19.32 0.24
C PRO A 41 -19.45 -19.72 -1.02
N GLU A 42 -18.71 -18.78 -1.61
CA GLU A 42 -17.87 -19.07 -2.77
C GLU A 42 -16.55 -19.71 -2.34
N LYS A 43 -15.75 -18.97 -1.57
CA LYS A 43 -14.40 -19.37 -1.20
C LYS A 43 -14.29 -20.09 0.16
N GLY A 44 -15.42 -20.39 0.83
CA GLY A 44 -15.41 -21.12 2.12
C GLY A 44 -14.70 -20.43 3.29
N LEU A 45 -14.27 -21.25 4.26
CA LEU A 45 -13.52 -20.77 5.43
C LEU A 45 -12.09 -20.42 5.08
N GLU A 46 -11.64 -19.25 5.51
CA GLU A 46 -10.33 -18.71 5.16
C GLU A 46 -9.82 -17.92 6.35
N TRP A 47 -8.63 -18.30 6.85
CA TRP A 47 -7.97 -17.62 7.95
C TRP A 47 -7.33 -16.34 7.45
N ILE A 48 -7.55 -15.24 8.15
CA ILE A 48 -6.99 -13.95 7.73
C ILE A 48 -5.66 -13.67 8.43
N GLY A 49 -5.58 -13.88 9.74
CA GLY A 49 -4.36 -13.54 10.46
C GLY A 49 -4.56 -13.59 11.95
N GLU A 50 -3.47 -13.39 12.67
CA GLU A 50 -3.48 -13.49 14.13
C GLU A 50 -2.54 -12.45 14.75
N ILE A 51 -2.83 -12.12 16.02
CA ILE A 51 -2.07 -11.16 16.81
C ILE A 51 -2.04 -11.62 18.26
N ASN A 52 -1.02 -11.19 18.99
CA ASN A 52 -0.99 -11.39 20.45
C ASN A 52 -0.89 -10.04 21.18
N HIS A 53 -0.90 -10.14 22.52
CA HIS A 53 -0.70 -8.98 23.39
C HIS A 53 0.49 -8.12 22.96
N GLY A 54 1.55 -8.74 22.45
CA GLY A 54 2.74 -8.01 22.04
C GLY A 54 2.63 -7.31 20.71
N GLY A 55 1.51 -7.45 20.01
CA GLY A 55 1.38 -6.85 18.70
C GLY A 55 2.16 -7.54 17.61
N TYR A 56 2.58 -8.78 17.85
CA TYR A 56 3.22 -9.60 16.83
C TYR A 56 2.14 -10.20 15.95
N VAL A 57 2.29 -10.07 14.62
CA VAL A 57 1.24 -10.43 13.68
C VAL A 57 1.77 -11.44 12.68
N THR A 58 0.92 -12.37 12.31
CA THR A 58 1.06 -13.18 11.12
C THR A 58 -0.21 -12.98 10.29
N TYR A 59 -0.06 -12.91 8.97
CA TYR A 59 -1.17 -12.72 8.05
C TYR A 59 -1.22 -13.90 7.07
N ASN A 60 -2.42 -14.24 6.61
CA ASN A 60 -2.54 -15.08 5.44
C ASN A 60 -1.87 -14.40 4.24
N PRO A 61 -0.98 -15.09 3.51
CA PRO A 61 -0.28 -14.43 2.39
C PRO A 61 -1.21 -13.92 1.30
N SER A 62 -2.32 -14.62 1.04
CA SER A 62 -3.20 -14.19 -0.03
C SER A 62 -3.85 -12.83 0.25
N LEU A 63 -3.77 -12.35 1.50
CA LEU A 63 -4.40 -11.11 1.92
C LEU A 63 -3.43 -10.07 2.48
N GLU A 64 -2.20 -10.45 2.81
CA GLU A 64 -1.32 -9.57 3.58
C GLU A 64 -1.26 -8.15 3.03
N SER A 65 -1.38 -7.97 1.73
CA SER A 65 -1.20 -6.66 1.12
C SER A 65 -2.29 -5.65 1.49
N ARG A 66 -3.48 -6.11 1.90
CA ARG A 66 -4.58 -5.24 2.29
C ARG A 66 -5.05 -5.44 3.72
N VAL A 67 -4.46 -6.34 4.46
CA VAL A 67 -4.89 -6.59 5.82
C VAL A 67 -4.05 -5.78 6.79
N THR A 68 -4.68 -5.38 7.89
CA THR A 68 -4.01 -4.93 9.09
C THR A 68 -4.77 -5.52 10.25
N ILE A 69 -4.07 -6.14 11.21
CA ILE A 69 -4.66 -6.50 12.49
C ILE A 69 -3.91 -5.73 13.57
N SER A 70 -4.66 -5.15 14.51
CA SER A 70 -4.09 -4.34 15.58
C SER A 70 -4.74 -4.71 16.88
N VAL A 71 -4.14 -4.25 17.98
CA VAL A 71 -4.58 -4.62 19.32
C VAL A 71 -4.64 -3.37 20.21
N ASP A 72 -5.61 -3.36 21.12
CA ASP A 72 -5.75 -2.32 22.14
C ASP A 72 -5.74 -3.01 23.49
N THR A 73 -4.55 -3.11 24.07
CA THR A 73 -4.37 -3.88 25.29
C THR A 73 -5.04 -3.26 26.49
N SER A 74 -5.44 -1.99 26.39
CA SER A 74 -6.14 -1.30 27.47
C SER A 74 -7.63 -1.67 27.54
N LYS A 75 -8.21 -2.19 26.45
CA LYS A 75 -9.60 -2.65 26.47
C LYS A 75 -9.77 -4.13 26.15
N ASN A 76 -8.67 -4.90 26.05
CA ASN A 76 -8.74 -6.30 25.61
C ASN A 76 -9.51 -6.42 24.30
N GLN A 77 -9.09 -5.63 23.31
CA GLN A 77 -9.75 -5.56 22.03
C GLN A 77 -8.72 -5.73 20.93
N PHE A 78 -9.01 -6.59 19.96
CA PHE A 78 -8.27 -6.55 18.71
C PHE A 78 -9.26 -6.31 17.58
N SER A 79 -8.71 -5.92 16.43
CA SER A 79 -9.54 -5.38 15.39
C SER A 79 -8.89 -5.63 14.03
N LEU A 80 -9.75 -5.75 13.02
CA LEU A 80 -9.35 -6.08 11.66
C LEU A 80 -9.67 -4.94 10.71
N LYS A 81 -8.74 -4.63 9.82
CA LYS A 81 -8.94 -3.63 8.77
C LYS A 81 -8.49 -4.21 7.45
N LEU A 82 -9.40 -4.22 6.50
CA LEU A 82 -9.18 -4.78 5.18
C LEU A 82 -9.47 -3.68 4.17
N SER A 83 -8.47 -3.31 3.39
CA SER A 83 -8.57 -2.15 2.52
C SER A 83 -8.99 -2.55 1.12
N SER A 84 -9.50 -1.58 0.37
CA SER A 84 -9.87 -1.71 -1.03
C SER A 84 -10.77 -2.93 -1.27
N VAL A 85 -11.91 -2.97 -0.56
CA VAL A 85 -12.78 -4.14 -0.64
C VAL A 85 -13.45 -4.22 -2.00
N THR A 86 -13.96 -5.41 -2.29
CA THR A 86 -14.48 -5.80 -3.58
C THR A 86 -15.61 -6.78 -3.26
N ALA A 87 -16.50 -7.04 -4.22
CA ALA A 87 -17.62 -7.94 -3.95
C ALA A 87 -17.16 -9.28 -3.39
N ALA A 88 -15.94 -9.70 -3.76
CA ALA A 88 -15.37 -10.96 -3.29
C ALA A 88 -15.21 -11.01 -1.78
N ASP A 89 -15.05 -9.86 -1.13
CA ASP A 89 -14.87 -9.79 0.31
C ASP A 89 -16.17 -9.87 1.09
N THR A 90 -17.31 -10.09 0.43
CA THR A 90 -18.53 -10.31 1.17
C THR A 90 -18.44 -11.65 1.88
N ALA A 91 -18.59 -11.64 3.21
CA ALA A 91 -18.52 -12.87 3.97
C ALA A 91 -18.90 -12.60 5.42
N VAL A 92 -19.08 -13.68 6.17
CA VAL A 92 -19.16 -13.63 7.62
C VAL A 92 -17.74 -13.68 8.18
N TYR A 93 -17.38 -12.64 8.94
CA TYR A 93 -16.06 -12.53 9.57
C TYR A 93 -16.19 -12.97 11.02
N TYR A 94 -15.32 -13.88 11.46
CA TYR A 94 -15.32 -14.37 12.83
C TYR A 94 -14.05 -13.94 13.53
N CYS A 95 -14.14 -13.65 14.82
CA CYS A 95 -12.94 -13.59 15.62
C CYS A 95 -12.85 -14.88 16.42
N ALA A 96 -11.62 -15.27 16.77
CA ALA A 96 -11.47 -16.55 17.46
C ALA A 96 -10.17 -16.55 18.23
N ARG A 97 -10.12 -17.42 19.23
CA ARG A 97 -8.93 -17.63 20.02
C ARG A 97 -8.24 -18.91 19.56
N ASP A 98 -6.94 -18.83 19.32
CA ASP A 98 -6.18 -20.03 18.99
C ASP A 98 -6.02 -20.91 20.21
N TYR A 99 -5.96 -22.22 19.96
CA TYR A 99 -5.76 -23.20 21.01
C TYR A 99 -4.84 -24.29 20.50
N GLY A 100 -4.03 -24.81 21.40
CA GLY A 100 -3.26 -26.00 21.13
C GLY A 100 -2.87 -26.62 22.45
N PRO A 101 -2.68 -27.91 22.47
CA PRO A 101 -2.32 -28.58 23.72
C PRO A 101 -0.85 -28.46 24.06
N GLY A 102 0.01 -28.35 23.04
CA GLY A 102 1.46 -28.43 23.21
C GLY A 102 2.12 -27.06 23.19
N ASN A 103 3.30 -26.98 22.56
CA ASN A 103 4.00 -25.72 22.39
C ASN A 103 3.53 -24.94 21.16
N TYR A 104 2.36 -25.24 20.63
CA TYR A 104 1.81 -24.59 19.46
C TYR A 104 0.35 -24.26 19.76
N ASP A 105 -0.14 -23.16 19.18
CA ASP A 105 -1.53 -22.74 19.35
C ASP A 105 -2.18 -22.70 17.97
N TRP A 106 -2.49 -23.89 17.44
CA TRP A 106 -2.67 -24.04 16.00
C TRP A 106 -4.09 -24.40 15.56
N TYR A 107 -5.05 -24.41 16.48
CA TYR A 107 -6.45 -24.65 16.20
C TYR A 107 -7.27 -23.52 16.78
N PHE A 108 -8.60 -23.63 16.77
CA PHE A 108 -9.49 -22.57 17.18
C PHE A 108 -10.52 -23.16 18.12
N ASP A 109 -10.46 -22.79 19.41
CA ASP A 109 -11.33 -23.38 20.42
C ASP A 109 -12.51 -22.49 20.81
N LEU A 110 -12.45 -21.21 20.51
CA LEU A 110 -13.52 -20.33 20.96
C LEU A 110 -13.75 -19.29 19.89
N TRP A 111 -15.02 -19.10 19.51
CA TRP A 111 -15.37 -18.25 18.38
C TRP A 111 -16.40 -17.17 18.74
N GLY A 112 -16.23 -15.99 18.17
CA GLY A 112 -17.27 -14.99 18.15
C GLY A 112 -18.53 -15.51 17.48
N ARG A 113 -19.58 -14.67 17.51
CA ARG A 113 -20.82 -15.08 16.85
C ARG A 113 -20.83 -14.82 15.36
N GLY A 114 -19.84 -14.11 14.84
CA GLY A 114 -19.81 -13.80 13.43
C GLY A 114 -20.47 -12.48 13.12
N THR A 115 -19.91 -11.73 12.18
CA THR A 115 -20.48 -10.48 11.70
C THR A 115 -20.49 -10.56 10.17
N LEU A 116 -21.69 -10.57 9.59
CA LEU A 116 -21.80 -10.59 8.13
C LEU A 116 -21.50 -9.21 7.56
N VAL A 117 -20.60 -9.16 6.56
CA VAL A 117 -20.23 -7.90 5.90
C VAL A 117 -20.53 -8.07 4.41
N THR A 118 -21.31 -7.13 3.86
CA THR A 118 -21.67 -7.13 2.46
C THR A 118 -21.03 -5.93 1.79
N VAL A 119 -20.52 -6.14 0.58
CA VAL A 119 -20.02 -5.04 -0.22
C VAL A 119 -20.75 -5.07 -1.56
N SER A 120 -21.17 -3.90 -2.03
CA SER A 120 -22.09 -3.76 -3.15
C SER A 120 -22.14 -2.30 -3.56
N SER A 121 -22.21 -2.06 -4.88
CA SER A 121 -22.42 -0.69 -5.37
C SER A 121 -23.89 -0.27 -5.35
N ALA A 122 -24.80 -1.21 -5.14
CA ALA A 122 -26.23 -0.95 -5.12
C ALA A 122 -26.61 0.01 -3.99
N SER A 123 -27.48 0.97 -4.31
CA SER A 123 -28.05 1.84 -3.29
C SER A 123 -29.36 1.25 -2.78
N THR A 124 -29.69 1.60 -1.54
CA THR A 124 -30.75 0.94 -0.80
C THR A 124 -32.13 1.26 -1.38
N LYS A 125 -33.00 0.26 -1.40
CA LYS A 125 -34.30 0.29 -2.07
C LYS A 125 -35.24 -0.62 -1.29
N GLY A 126 -36.53 -0.56 -1.59
CA GLY A 126 -37.50 -1.34 -0.88
C GLY A 126 -38.17 -2.36 -1.76
N PRO A 127 -38.74 -3.40 -1.16
CA PRO A 127 -39.30 -4.48 -1.96
C PRO A 127 -40.62 -4.07 -2.59
N SER A 128 -40.79 -4.43 -3.87
CA SER A 128 -42.12 -4.60 -4.45
C SER A 128 -42.64 -5.98 -4.06
N VAL A 129 -43.83 -6.05 -3.47
CA VAL A 129 -44.42 -7.33 -3.08
C VAL A 129 -45.58 -7.65 -4.02
N PHE A 130 -45.47 -8.74 -4.77
CA PHE A 130 -46.47 -9.22 -5.71
C PHE A 130 -47.03 -10.56 -5.25
N PRO A 131 -48.25 -10.89 -5.63
CA PRO A 131 -48.86 -12.14 -5.15
C PRO A 131 -48.67 -13.31 -6.09
N LEU A 132 -48.71 -14.49 -5.50
CA LEU A 132 -48.67 -15.75 -6.21
C LEU A 132 -49.98 -16.44 -5.88
N ALA A 133 -51.00 -16.20 -6.73
CA ALA A 133 -52.39 -16.59 -6.46
C ALA A 133 -52.63 -18.07 -6.80
N PRO A 134 -53.48 -18.74 -6.03
CA PRO A 134 -53.77 -20.16 -6.28
C PRO A 134 -54.92 -20.43 -7.24
N SER A 135 -55.21 -21.73 -7.42
CA SER A 135 -56.26 -22.19 -8.33
C SER A 135 -56.99 -23.36 -7.69
N SER A 136 -57.98 -23.90 -8.40
CA SER A 136 -58.60 -25.14 -7.97
C SER A 136 -58.54 -26.18 -9.09
N GLY A 142 -56.49 -32.86 -2.18
CA GLY A 142 -56.98 -31.54 -2.55
C GLY A 142 -56.30 -30.40 -1.81
N THR A 143 -55.04 -30.15 -2.13
CA THR A 143 -54.23 -29.12 -1.48
C THR A 143 -53.91 -28.00 -2.48
N ALA A 144 -54.06 -26.76 -2.05
CA ALA A 144 -53.71 -25.61 -2.88
C ALA A 144 -52.48 -24.94 -2.31
N ALA A 145 -51.91 -24.03 -3.08
CA ALA A 145 -50.67 -23.38 -2.70
C ALA A 145 -50.67 -21.95 -3.22
N LEU A 146 -50.26 -21.02 -2.37
CA LEU A 146 -50.21 -19.61 -2.74
C LEU A 146 -49.01 -19.00 -2.05
N GLY A 147 -48.77 -17.72 -2.30
CA GLY A 147 -47.71 -17.03 -1.59
C GLY A 147 -47.38 -15.68 -2.18
N CYS A 148 -46.32 -15.09 -1.61
CA CYS A 148 -45.86 -13.74 -1.94
C CYS A 148 -44.49 -13.77 -2.61
N LEU A 149 -44.29 -12.86 -3.56
CA LEU A 149 -43.04 -12.69 -4.27
C LEU A 149 -42.47 -11.31 -3.93
N VAL A 150 -41.52 -11.24 -2.98
CA VAL A 150 -40.87 -9.97 -2.64
C VAL A 150 -39.68 -9.76 -3.58
N LYS A 151 -39.68 -8.65 -4.30
CA LYS A 151 -38.77 -8.50 -5.44
C LYS A 151 -38.08 -7.14 -5.40
N ASP A 152 -36.86 -7.11 -5.96
CA ASP A 152 -36.09 -5.88 -6.23
C ASP A 152 -35.83 -5.03 -4.97
N TYR A 153 -35.27 -5.67 -3.94
CA TYR A 153 -34.95 -4.97 -2.70
C TYR A 153 -33.48 -5.08 -2.36
N PHE A 154 -32.93 -4.02 -1.75
CA PHE A 154 -31.55 -3.98 -1.25
C PHE A 154 -31.44 -3.02 -0.06
N PRO A 155 -30.70 -3.39 1.00
CA PRO A 155 -30.01 -4.66 1.19
C PRO A 155 -30.83 -5.63 2.01
N GLU A 156 -30.27 -6.81 2.21
CA GLU A 156 -30.82 -7.73 3.18
C GLU A 156 -30.78 -7.11 4.58
N PRO A 157 -31.61 -7.60 5.50
CA PRO A 157 -32.63 -8.64 5.33
C PRO A 157 -34.02 -8.09 5.03
N VAL A 158 -34.95 -9.03 4.87
CA VAL A 158 -36.37 -8.76 4.75
C VAL A 158 -37.08 -9.90 5.44
N THR A 159 -38.11 -9.57 6.22
CA THR A 159 -38.87 -10.58 6.94
C THR A 159 -40.21 -10.78 6.27
N VAL A 160 -40.75 -11.99 6.37
CA VAL A 160 -42.02 -12.32 5.74
C VAL A 160 -42.81 -13.21 6.68
N SER A 161 -43.89 -12.66 7.27
CA SER A 161 -44.83 -13.42 8.08
C SER A 161 -46.13 -13.59 7.32
N TRP A 162 -46.88 -14.64 7.70
CA TRP A 162 -48.20 -14.93 7.12
C TRP A 162 -49.27 -14.75 8.20
N ASN A 163 -50.26 -13.89 7.91
CA ASN A 163 -51.40 -13.64 8.81
C ASN A 163 -50.93 -13.07 10.13
N SER A 164 -50.02 -12.10 10.05
CA SER A 164 -49.48 -11.39 11.22
C SER A 164 -48.99 -12.37 12.28
N GLY A 165 -48.41 -13.49 11.84
CA GLY A 165 -47.88 -14.50 12.74
C GLY A 165 -48.79 -15.68 12.96
N ALA A 166 -50.03 -15.64 12.44
CA ALA A 166 -51.00 -16.70 12.70
C ALA A 166 -50.61 -18.00 12.00
N LEU A 167 -50.47 -17.94 10.69
CA LEU A 167 -50.20 -19.13 9.87
C LEU A 167 -48.69 -19.40 9.81
N THR A 168 -48.28 -20.57 10.32
CA THR A 168 -46.89 -20.96 10.28
C THR A 168 -46.64 -22.36 9.72
N SER A 169 -47.67 -23.21 9.66
CA SER A 169 -47.46 -24.65 9.50
C SER A 169 -46.87 -24.99 8.13
N GLY A 170 -47.51 -24.51 7.07
CA GLY A 170 -47.13 -24.94 5.72
C GLY A 170 -46.14 -24.05 5.01
N VAL A 171 -45.59 -23.08 5.74
CA VAL A 171 -44.79 -22.01 5.15
C VAL A 171 -43.41 -22.52 4.79
N HIS A 172 -42.91 -22.06 3.64
CA HIS A 172 -41.51 -22.16 3.22
C HIS A 172 -41.11 -20.78 2.73
N THR A 173 -40.21 -20.10 3.43
CA THR A 173 -39.63 -18.88 2.87
C THR A 173 -38.27 -19.22 2.24
N PHE A 174 -38.10 -18.82 1.00
CA PHE A 174 -36.91 -19.24 0.29
C PHE A 174 -35.76 -18.25 0.50
N PRO A 175 -34.52 -18.74 0.51
CA PRO A 175 -33.38 -17.84 0.61
C PRO A 175 -33.38 -16.82 -0.51
N ALA A 176 -33.05 -15.58 -0.17
CA ALA A 176 -32.98 -14.53 -1.18
C ALA A 176 -31.87 -14.83 -2.17
N VAL A 177 -32.03 -14.38 -3.41
CA VAL A 177 -30.99 -14.56 -4.42
C VAL A 177 -30.71 -13.22 -5.07
N LEU A 178 -29.42 -12.89 -5.14
CA LEU A 178 -28.99 -11.63 -5.70
C LEU A 178 -29.07 -11.70 -7.22
N GLN A 179 -29.88 -10.82 -7.81
CA GLN A 179 -30.02 -10.77 -9.25
C GLN A 179 -28.88 -9.98 -9.87
N SER A 180 -28.84 -9.95 -11.20
CA SER A 180 -27.75 -9.24 -11.90
C SER A 180 -27.79 -7.74 -11.67
N SER A 181 -28.92 -7.19 -11.20
CA SER A 181 -29.01 -5.77 -10.91
C SER A 181 -28.42 -5.38 -9.56
N GLY A 182 -28.04 -6.34 -8.73
CA GLY A 182 -27.60 -6.01 -7.41
C GLY A 182 -28.69 -6.01 -6.39
N LEU A 183 -29.90 -6.39 -6.77
CA LEU A 183 -31.05 -6.42 -5.88
C LEU A 183 -31.41 -7.87 -5.57
N TYR A 184 -31.91 -8.10 -4.36
CA TYR A 184 -32.31 -9.43 -3.92
C TYR A 184 -33.79 -9.68 -4.22
N SER A 185 -34.16 -10.95 -4.38
CA SER A 185 -35.55 -11.38 -4.49
C SER A 185 -35.72 -12.71 -3.82
N LEU A 186 -36.85 -12.87 -3.15
CA LEU A 186 -37.22 -14.14 -2.57
C LEU A 186 -38.74 -14.29 -2.71
N SER A 187 -39.22 -15.51 -2.47
CA SER A 187 -40.65 -15.80 -2.49
C SER A 187 -40.98 -16.62 -1.27
N SER A 188 -42.08 -16.29 -0.61
CA SER A 188 -42.63 -17.12 0.45
C SER A 188 -43.90 -17.79 -0.05
N VAL A 189 -44.12 -19.03 0.37
CA VAL A 189 -45.26 -19.82 -0.08
C VAL A 189 -45.78 -20.61 1.11
N VAL A 190 -47.04 -21.00 1.03
CA VAL A 190 -47.66 -21.81 2.06
C VAL A 190 -48.72 -22.68 1.41
N THR A 191 -48.79 -23.94 1.84
CA THR A 191 -49.82 -24.86 1.38
C THR A 191 -50.98 -24.83 2.38
N VAL A 192 -52.18 -24.65 1.85
CA VAL A 192 -53.40 -24.55 2.64
C VAL A 192 -54.43 -25.48 2.02
N PRO A 193 -55.42 -25.96 2.77
CA PRO A 193 -56.45 -26.82 2.16
C PRO A 193 -57.28 -26.06 1.12
N SER A 194 -57.50 -26.72 -0.03
CA SER A 194 -58.29 -26.15 -1.13
C SER A 194 -59.71 -25.80 -0.69
N SER A 195 -60.22 -26.45 0.35
CA SER A 195 -61.50 -26.12 0.96
C SER A 195 -61.54 -24.67 1.45
N SER A 196 -60.50 -24.28 2.20
CA SER A 196 -60.47 -23.03 2.94
C SER A 196 -60.12 -21.84 2.05
N LEU A 197 -60.35 -21.96 0.74
CA LEU A 197 -59.78 -20.99 -0.18
C LEU A 197 -60.59 -19.69 -0.25
N GLY A 198 -61.91 -19.77 -0.19
CA GLY A 198 -62.72 -18.56 -0.16
C GLY A 198 -63.16 -18.19 1.24
N THR A 199 -63.16 -19.19 2.13
CA THR A 199 -63.47 -19.06 3.54
C THR A 199 -62.45 -18.20 4.26
N GLN A 200 -61.27 -18.80 4.50
CA GLN A 200 -60.18 -18.18 5.24
C GLN A 200 -59.39 -17.24 4.33
N THR A 201 -59.03 -16.07 4.85
CA THR A 201 -58.35 -15.07 4.05
C THR A 201 -56.87 -14.98 4.44
N TYR A 202 -56.00 -14.89 3.42
CA TYR A 202 -54.56 -15.07 3.55
C TYR A 202 -53.84 -13.79 3.17
N ILE A 203 -52.99 -13.31 4.07
CA ILE A 203 -52.28 -12.04 3.92
C ILE A 203 -50.83 -12.24 4.36
N CYS A 204 -49.88 -11.75 3.57
CA CYS A 204 -48.46 -11.87 3.86
C CYS A 204 -47.96 -10.50 4.25
N ASN A 205 -47.21 -10.43 5.35
CA ASN A 205 -46.69 -9.16 5.87
C ASN A 205 -45.17 -9.18 5.74
N VAL A 206 -44.65 -8.21 5.02
CA VAL A 206 -43.27 -8.17 4.58
C VAL A 206 -42.63 -6.95 5.21
N ASN A 207 -41.55 -7.14 5.96
CA ASN A 207 -40.88 -6.02 6.62
C ASN A 207 -39.44 -5.89 6.14
N HIS A 208 -39.10 -4.71 5.62
CA HIS A 208 -37.74 -4.40 5.14
C HIS A 208 -37.18 -3.18 5.87
N LYS A 209 -36.70 -3.39 7.11
CA LYS A 209 -36.29 -2.24 7.93
C LYS A 209 -35.25 -1.32 7.30
N PRO A 210 -34.29 -1.78 6.47
CA PRO A 210 -33.33 -0.84 5.87
C PRO A 210 -33.93 0.30 5.06
N SER A 211 -35.14 0.14 4.53
CA SER A 211 -35.77 1.24 3.80
C SER A 211 -36.99 1.78 4.52
N ASN A 212 -37.27 1.27 5.72
CA ASN A 212 -38.50 1.56 6.46
C ASN A 212 -39.72 1.38 5.57
N THR A 213 -39.92 0.11 5.23
CA THR A 213 -40.95 -0.34 4.31
C THR A 213 -41.64 -1.52 4.95
N LYS A 214 -42.92 -1.38 5.27
CA LYS A 214 -43.74 -2.52 5.65
C LYS A 214 -44.95 -2.58 4.73
N VAL A 215 -45.28 -3.80 4.29
CA VAL A 215 -46.25 -4.04 3.23
C VAL A 215 -47.01 -5.31 3.57
N ASP A 216 -48.33 -5.25 3.45
CA ASP A 216 -49.20 -6.41 3.64
C ASP A 216 -50.02 -6.56 2.38
N LYS A 217 -49.82 -7.67 1.65
CA LYS A 217 -50.49 -7.89 0.38
C LYS A 217 -51.38 -9.12 0.50
N LYS A 218 -52.62 -8.97 0.05
CA LYS A 218 -53.63 -10.02 0.18
C LYS A 218 -53.59 -10.91 -1.05
N VAL A 219 -53.52 -12.21 -0.84
CA VAL A 219 -53.45 -13.15 -1.96
C VAL A 219 -54.85 -13.72 -2.19
N GLU A 220 -55.50 -13.24 -3.26
CA GLU A 220 -56.85 -13.69 -3.56
C GLU A 220 -56.83 -14.50 -4.85
N PRO A 221 -57.63 -15.57 -4.93
CA PRO A 221 -57.62 -16.42 -6.13
C PRO A 221 -57.96 -15.64 -7.39
N LYS A 222 -57.42 -16.10 -8.52
CA LYS A 222 -57.61 -15.40 -9.79
C LYS A 222 -58.93 -15.80 -10.45
N GLU B 1 -0.10 -23.13 -1.45
CA GLU B 1 -0.34 -23.52 -0.07
C GLU B 1 -0.60 -25.03 -0.01
N ILE B 2 -0.87 -25.55 1.17
CA ILE B 2 -1.33 -26.92 1.32
C ILE B 2 -2.86 -26.92 1.25
N VAL B 3 -3.45 -27.81 0.46
CA VAL B 3 -4.90 -27.81 0.24
C VAL B 3 -5.49 -29.09 0.81
N LEU B 4 -6.56 -28.95 1.58
CA LEU B 4 -7.26 -30.09 2.16
C LEU B 4 -8.53 -30.33 1.36
N THR B 5 -8.76 -31.58 0.98
CA THR B 5 -9.90 -31.93 0.15
C THR B 5 -10.72 -32.95 0.92
N GLN B 6 -11.98 -32.61 1.20
CA GLN B 6 -12.88 -33.55 1.84
C GLN B 6 -13.77 -34.27 0.83
N SER B 7 -14.23 -35.45 1.22
CA SER B 7 -15.03 -36.30 0.36
C SER B 7 -15.82 -37.26 1.26
N PRO B 8 -17.04 -37.63 0.88
CA PRO B 8 -17.76 -37.06 -0.25
C PRO B 8 -18.22 -35.63 0.03
N ALA B 9 -18.62 -34.90 -1.02
CA ALA B 9 -19.16 -33.55 -0.84
C ALA B 9 -20.27 -33.53 0.21
N THR B 10 -21.21 -34.49 0.13
CA THR B 10 -22.28 -34.63 1.10
C THR B 10 -22.49 -36.11 1.40
N LEU B 11 -23.15 -36.39 2.52
CA LEU B 11 -23.26 -37.75 3.05
C LEU B 11 -24.71 -37.90 3.52
N SER B 12 -25.44 -38.87 3.00
CA SER B 12 -26.84 -39.05 3.40
C SER B 12 -26.97 -40.34 4.20
N LEU B 13 -27.33 -40.22 5.48
CA LEU B 13 -27.36 -41.38 6.36
C LEU B 13 -28.56 -41.27 7.29
N SER B 14 -29.10 -42.43 7.71
CA SER B 14 -30.24 -42.36 8.60
C SER B 14 -29.75 -42.30 10.04
N PRO B 15 -30.52 -41.69 10.94
CA PRO B 15 -30.11 -41.59 12.34
C PRO B 15 -29.72 -42.95 12.93
N GLY B 16 -28.76 -42.93 13.84
CA GLY B 16 -28.26 -44.12 14.47
C GLY B 16 -27.22 -44.86 13.68
N GLU B 17 -27.07 -44.57 12.39
CA GLU B 17 -26.00 -45.13 11.57
C GLU B 17 -24.66 -44.51 11.92
N ARG B 18 -23.62 -44.99 11.24
CA ARG B 18 -22.25 -44.60 11.51
C ARG B 18 -21.72 -43.75 10.36
N ALA B 19 -21.19 -42.57 10.68
CA ALA B 19 -20.72 -41.62 9.69
C ALA B 19 -19.21 -41.69 9.65
N THR B 20 -18.64 -41.75 8.45
CA THR B 20 -17.20 -41.79 8.24
C THR B 20 -16.85 -40.75 7.19
N LEU B 21 -16.20 -39.66 7.61
CA LEU B 21 -15.83 -38.56 6.72
C LEU B 21 -14.34 -38.57 6.55
N SER B 22 -13.88 -38.04 5.42
CA SER B 22 -12.47 -38.11 5.04
C SER B 22 -11.90 -36.75 4.70
N CYS B 23 -10.59 -36.62 4.89
CA CYS B 23 -9.84 -35.39 4.63
C CYS B 23 -8.51 -35.82 4.02
N ARG B 24 -8.14 -35.25 2.88
CA ARG B 24 -6.88 -35.58 2.23
C ARG B 24 -6.04 -34.33 2.07
N ALA B 25 -4.79 -34.35 2.56
CA ALA B 25 -3.90 -33.21 2.42
C ALA B 25 -3.02 -33.35 1.18
N SER B 26 -2.68 -32.23 0.55
CA SER B 26 -1.92 -32.29 -0.70
C SER B 26 -0.43 -32.64 -0.48
N GLN B 27 0.08 -32.35 0.72
CA GLN B 27 1.35 -32.82 1.20
C GLN B 27 1.16 -33.13 2.67
N SER B 28 2.17 -33.73 3.31
CA SER B 28 1.97 -34.18 4.67
C SER B 28 1.81 -33.00 5.65
N VAL B 29 1.01 -33.22 6.68
CA VAL B 29 0.77 -32.23 7.72
C VAL B 29 0.91 -32.93 9.06
N SER B 30 1.66 -34.05 9.06
CA SER B 30 1.91 -34.83 10.26
C SER B 30 0.59 -35.17 10.97
N SER B 31 0.35 -34.56 12.14
CA SER B 31 -0.90 -34.75 12.86
C SER B 31 -1.54 -33.44 13.25
N TYR B 32 -1.12 -32.34 12.63
CA TYR B 32 -1.57 -31.00 12.99
C TYR B 32 -2.86 -30.68 12.21
N LEU B 33 -3.90 -31.41 12.56
CA LEU B 33 -5.17 -31.39 11.85
C LEU B 33 -6.30 -31.40 12.87
N ALA B 34 -7.36 -30.63 12.60
CA ALA B 34 -8.52 -30.53 13.48
C ALA B 34 -9.80 -30.67 12.67
N TRP B 35 -10.86 -31.08 13.34
CA TRP B 35 -12.18 -31.17 12.75
C TRP B 35 -13.13 -30.18 13.45
N TYR B 36 -14.01 -29.52 12.67
CA TYR B 36 -15.04 -28.65 13.24
C TYR B 36 -16.41 -29.04 12.71
N GLN B 37 -17.41 -28.84 13.55
CA GLN B 37 -18.80 -29.00 13.17
C GLN B 37 -19.40 -27.60 13.11
N GLN B 38 -20.23 -27.35 12.11
CA GLN B 38 -20.92 -26.07 11.97
C GLN B 38 -22.39 -26.33 11.70
N LYS B 39 -23.27 -25.88 12.61
CA LYS B 39 -24.71 -25.91 12.44
C LYS B 39 -25.18 -24.57 11.88
N PRO B 40 -26.28 -24.55 11.13
CA PRO B 40 -26.60 -23.36 10.33
C PRO B 40 -26.81 -22.14 11.20
N GLY B 41 -26.15 -21.05 10.82
CA GLY B 41 -26.23 -19.81 11.57
C GLY B 41 -25.34 -19.70 12.78
N GLN B 42 -24.56 -20.72 13.11
CA GLN B 42 -23.64 -20.71 14.23
C GLN B 42 -22.19 -20.65 13.76
N ALA B 43 -21.31 -20.34 14.70
CA ALA B 43 -19.90 -20.45 14.41
C ALA B 43 -19.50 -21.92 14.38
N PRO B 44 -18.38 -22.23 13.72
CA PRO B 44 -17.86 -23.60 13.79
C PRO B 44 -17.46 -23.93 15.21
N ARG B 45 -17.49 -25.20 15.55
CA ARG B 45 -17.17 -25.66 16.89
C ARG B 45 -16.11 -26.74 16.81
N LEU B 46 -15.04 -26.59 17.57
CA LEU B 46 -13.93 -27.54 17.53
C LEU B 46 -14.35 -28.87 18.13
N LEU B 47 -14.14 -29.96 17.39
CA LEU B 47 -14.44 -31.31 17.87
C LEU B 47 -13.19 -32.10 18.17
N ILE B 48 -12.24 -32.11 17.23
CA ILE B 48 -11.07 -32.99 17.26
C ILE B 48 -9.86 -32.12 16.98
N TYR B 49 -8.82 -32.26 17.78
CA TYR B 49 -7.57 -31.57 17.49
C TYR B 49 -6.47 -32.62 17.54
N ASP B 50 -5.34 -32.33 16.91
CA ASP B 50 -4.19 -33.23 16.86
C ASP B 50 -4.55 -34.58 16.24
N ALA B 51 -5.45 -34.51 15.25
CA ALA B 51 -5.98 -35.63 14.47
C ALA B 51 -6.88 -36.57 15.24
N SER B 52 -6.68 -36.75 16.55
CA SER B 52 -7.38 -37.83 17.24
C SER B 52 -7.88 -37.53 18.65
N ASN B 53 -7.82 -36.30 19.14
CA ASN B 53 -8.22 -36.00 20.50
C ASN B 53 -9.48 -35.14 20.51
N ARG B 54 -10.45 -35.53 21.33
CA ARG B 54 -11.64 -34.71 21.51
C ARG B 54 -11.34 -33.44 22.28
N ALA B 55 -12.03 -32.36 21.92
CA ALA B 55 -11.99 -31.15 22.71
C ALA B 55 -12.96 -31.26 23.89
N THR B 56 -12.99 -30.21 24.72
CA THR B 56 -13.58 -30.32 26.05
C THR B 56 -15.05 -30.75 26.01
N GLY B 57 -15.87 -30.07 25.23
CA GLY B 57 -17.28 -30.43 25.40
C GLY B 57 -17.81 -31.55 24.54
N ILE B 58 -16.93 -32.28 23.87
CA ILE B 58 -17.34 -33.18 22.79
C ILE B 58 -17.71 -34.54 23.37
N PRO B 59 -18.82 -35.14 22.96
CA PRO B 59 -19.20 -36.46 23.45
C PRO B 59 -18.35 -37.58 22.86
N ALA B 60 -18.63 -38.79 23.36
CA ALA B 60 -17.79 -39.95 23.11
C ALA B 60 -17.94 -40.47 21.68
N ARG B 61 -19.10 -40.27 21.04
CA ARG B 61 -19.31 -40.84 19.72
C ARG B 61 -18.43 -40.20 18.65
N PHE B 62 -17.80 -39.08 18.95
CA PHE B 62 -16.91 -38.43 18.01
C PHE B 62 -15.48 -38.95 18.19
N SER B 63 -14.79 -39.12 17.08
CA SER B 63 -13.54 -39.85 17.08
C SER B 63 -12.81 -39.48 15.81
N GLY B 64 -11.49 -39.37 15.91
CA GLY B 64 -10.68 -38.97 14.79
C GLY B 64 -9.47 -39.85 14.73
N SER B 65 -8.92 -39.97 13.52
CA SER B 65 -7.76 -40.81 13.30
C SER B 65 -7.06 -40.32 12.05
N GLY B 66 -5.83 -40.75 11.89
CA GLY B 66 -5.09 -40.38 10.70
C GLY B 66 -3.81 -39.64 11.03
N SER B 67 -2.86 -39.70 10.11
CA SER B 67 -1.60 -38.99 10.22
C SER B 67 -1.02 -38.89 8.82
N GLY B 68 -0.42 -37.76 8.52
CA GLY B 68 0.25 -37.62 7.24
C GLY B 68 -0.56 -36.89 6.22
N THR B 69 -1.30 -37.63 5.36
CA THR B 69 -2.14 -37.04 4.33
C THR B 69 -3.57 -37.52 4.31
N ASP B 70 -3.92 -38.55 5.07
CA ASP B 70 -5.26 -39.12 5.02
C ASP B 70 -5.82 -39.18 6.43
N PHE B 71 -6.90 -38.43 6.68
CA PHE B 71 -7.54 -38.39 7.99
C PHE B 71 -9.01 -38.76 7.84
N THR B 72 -9.57 -39.42 8.86
CA THR B 72 -10.99 -39.72 8.92
C THR B 72 -11.61 -39.21 10.23
N LEU B 73 -12.80 -38.60 10.12
CA LEU B 73 -13.65 -38.31 11.27
C LEU B 73 -14.76 -39.35 11.34
N THR B 74 -14.90 -39.99 12.49
CA THR B 74 -15.93 -41.00 12.66
C THR B 74 -16.91 -40.56 13.74
N ILE B 75 -18.20 -40.56 13.40
CA ILE B 75 -19.27 -40.47 14.39
C ILE B 75 -19.87 -41.86 14.53
N SER B 76 -19.73 -42.46 15.71
CA SER B 76 -20.06 -43.86 15.87
C SER B 76 -21.55 -44.14 15.64
N SER B 77 -22.44 -43.22 16.05
CA SER B 77 -23.89 -43.41 15.92
C SER B 77 -24.54 -42.05 15.80
N LEU B 78 -25.07 -41.72 14.62
CA LEU B 78 -25.56 -40.37 14.38
C LEU B 78 -26.80 -40.10 15.20
N GLU B 79 -26.91 -38.89 15.72
CA GLU B 79 -28.07 -38.44 16.47
C GLU B 79 -28.56 -37.15 15.83
N PRO B 80 -29.82 -36.78 16.05
CA PRO B 80 -30.36 -35.57 15.39
C PRO B 80 -29.46 -34.34 15.47
N GLU B 81 -28.82 -34.10 16.62
CA GLU B 81 -27.93 -32.95 16.78
C GLU B 81 -26.74 -32.98 15.83
N ASP B 82 -26.37 -34.14 15.31
CA ASP B 82 -25.12 -34.37 14.59
C ASP B 82 -25.22 -34.14 13.09
N PHE B 83 -26.37 -33.72 12.57
CA PHE B 83 -26.53 -33.50 11.13
C PHE B 83 -26.17 -32.06 10.84
N ALA B 84 -24.97 -31.85 10.32
CA ALA B 84 -24.41 -30.51 10.12
C ALA B 84 -23.32 -30.61 9.05
N VAL B 85 -22.57 -29.52 8.85
CA VAL B 85 -21.41 -29.51 7.97
C VAL B 85 -20.16 -29.69 8.83
N TYR B 86 -19.23 -30.52 8.34
CA TYR B 86 -17.99 -30.78 9.05
C TYR B 86 -16.80 -30.34 8.22
N TYR B 87 -15.94 -29.52 8.82
CA TYR B 87 -14.75 -28.98 8.19
C TYR B 87 -13.49 -29.55 8.85
N CYS B 88 -12.45 -29.72 8.05
CA CYS B 88 -11.14 -30.06 8.59
C CYS B 88 -10.20 -28.87 8.45
N GLN B 89 -9.16 -28.83 9.28
CA GLN B 89 -8.27 -27.67 9.29
C GLN B 89 -6.85 -28.13 9.62
N GLN B 90 -5.88 -27.48 9.01
CA GLN B 90 -4.49 -27.85 9.16
C GLN B 90 -3.64 -26.60 9.37
N ARG B 91 -2.52 -26.75 10.08
CA ARG B 91 -1.53 -25.68 10.12
C ARG B 91 -0.14 -26.26 9.95
N SER B 92 0.71 -25.49 9.28
CA SER B 92 2.10 -25.85 9.03
C SER B 92 2.98 -24.64 9.23
N ASN B 93 4.19 -24.86 9.79
CA ASN B 93 5.20 -23.80 9.81
C ASN B 93 6.23 -23.89 8.70
N TRP B 94 6.47 -25.07 8.11
CA TRP B 94 7.35 -25.19 6.97
C TRP B 94 6.73 -26.12 5.92
N PRO B 95 6.15 -25.55 4.85
CA PRO B 95 6.03 -24.09 4.66
C PRO B 95 4.87 -23.50 5.46
N PRO B 96 4.87 -22.19 5.73
CA PRO B 96 3.81 -21.60 6.56
C PRO B 96 2.48 -21.67 5.82
N ALA B 97 1.48 -22.29 6.45
CA ALA B 97 0.17 -22.43 5.82
C ALA B 97 -0.90 -22.68 6.89
N LEU B 98 -2.10 -22.11 6.69
CA LEU B 98 -3.25 -22.44 7.52
C LEU B 98 -4.45 -22.56 6.57
N THR B 99 -5.01 -23.76 6.40
CA THR B 99 -6.16 -23.88 5.50
C THR B 99 -7.24 -24.82 6.04
N PHE B 100 -8.48 -24.63 5.55
CA PHE B 100 -9.61 -25.50 5.86
C PHE B 100 -10.03 -26.32 4.64
N GLY B 101 -10.83 -27.35 4.87
CA GLY B 101 -11.44 -28.06 3.78
C GLY B 101 -12.70 -27.37 3.30
N GLY B 102 -13.23 -27.87 2.18
CA GLY B 102 -14.48 -27.35 1.63
C GLY B 102 -15.74 -27.80 2.35
N GLY B 103 -15.63 -28.79 3.20
CA GLY B 103 -16.74 -29.18 4.04
C GLY B 103 -17.42 -30.41 3.51
N THR B 104 -18.02 -31.17 4.42
CA THR B 104 -18.83 -32.30 4.10
C THR B 104 -20.15 -32.11 4.83
N LYS B 105 -21.25 -31.97 4.08
CA LYS B 105 -22.57 -31.90 4.69
C LYS B 105 -23.04 -33.30 5.01
N VAL B 106 -23.47 -33.54 6.23
CA VAL B 106 -24.09 -34.80 6.61
C VAL B 106 -25.59 -34.56 6.67
N GLU B 107 -26.34 -35.29 5.85
CA GLU B 107 -27.75 -35.05 5.56
C GLU B 107 -28.60 -36.25 6.01
N ILE B 108 -29.84 -35.98 6.40
CA ILE B 108 -30.73 -37.03 6.91
C ILE B 108 -31.27 -37.83 5.72
N LYS B 109 -30.96 -39.13 5.68
CA LYS B 109 -31.51 -40.01 4.67
C LYS B 109 -32.99 -40.32 4.96
N ARG B 110 -33.79 -40.24 3.92
CA ARG B 110 -35.24 -40.33 3.94
C ARG B 110 -35.63 -41.30 2.84
N THR B 111 -36.92 -41.65 2.75
CA THR B 111 -37.37 -42.34 1.54
C THR B 111 -37.72 -41.31 0.48
N VAL B 112 -37.65 -41.72 -0.80
CA VAL B 112 -37.82 -40.74 -1.86
C VAL B 112 -39.24 -40.22 -1.81
N ALA B 113 -39.38 -38.93 -2.12
CA ALA B 113 -40.61 -38.20 -2.00
C ALA B 113 -40.71 -37.36 -3.27
N ALA B 114 -41.70 -37.64 -4.10
CA ALA B 114 -41.87 -36.84 -5.29
C ALA B 114 -42.39 -35.46 -4.91
N PRO B 115 -42.00 -34.44 -5.65
CA PRO B 115 -42.46 -33.09 -5.35
C PRO B 115 -43.91 -32.87 -5.73
N SER B 116 -44.48 -31.85 -5.13
CA SER B 116 -45.79 -31.35 -5.52
C SER B 116 -45.53 -30.04 -6.25
N VAL B 117 -45.86 -30.00 -7.55
CA VAL B 117 -45.51 -28.88 -8.41
C VAL B 117 -46.66 -27.92 -8.51
N PHE B 118 -46.35 -26.64 -8.59
CA PHE B 118 -47.30 -25.56 -8.75
C PHE B 118 -46.70 -24.47 -9.63
N ILE B 119 -47.46 -23.97 -10.59
CA ILE B 119 -47.00 -22.83 -11.38
C ILE B 119 -47.84 -21.61 -10.99
N PHE B 120 -47.24 -20.43 -11.12
CA PHE B 120 -47.85 -19.18 -10.66
C PHE B 120 -47.66 -18.14 -11.75
N PRO B 121 -48.73 -17.58 -12.31
CA PRO B 121 -48.58 -16.62 -13.39
C PRO B 121 -48.25 -15.26 -12.81
N PRO B 122 -47.61 -14.41 -13.60
CA PRO B 122 -47.29 -13.06 -13.13
C PRO B 122 -48.51 -12.32 -12.62
N SER B 123 -48.33 -11.57 -11.52
CA SER B 123 -49.36 -10.69 -11.01
C SER B 123 -49.65 -9.52 -11.95
N ASP B 124 -50.93 -9.19 -12.10
CA ASP B 124 -51.30 -8.06 -12.93
C ASP B 124 -50.60 -6.76 -12.50
N GLU B 125 -50.51 -6.54 -11.18
CA GLU B 125 -49.73 -5.43 -10.62
C GLU B 125 -48.33 -5.34 -11.23
N GLN B 126 -47.61 -6.47 -11.25
CA GLN B 126 -46.23 -6.45 -11.70
C GLN B 126 -46.11 -6.14 -13.18
N LEU B 127 -47.10 -6.55 -13.99
CA LEU B 127 -46.98 -6.30 -15.43
C LEU B 127 -47.06 -4.82 -15.77
N LYS B 128 -47.63 -4.00 -14.88
CA LYS B 128 -47.55 -2.55 -15.03
C LYS B 128 -46.10 -2.04 -14.91
N SER B 129 -45.26 -2.73 -14.13
CA SER B 129 -43.86 -2.38 -13.98
C SER B 129 -43.03 -2.59 -15.25
N GLY B 130 -43.47 -3.44 -16.16
CA GLY B 130 -42.68 -3.75 -17.35
C GLY B 130 -41.82 -5.01 -17.27
N THR B 131 -42.02 -5.86 -16.27
CA THR B 131 -41.33 -7.14 -16.16
C THR B 131 -42.33 -8.20 -15.70
N ALA B 132 -42.12 -9.44 -16.12
CA ALA B 132 -42.97 -10.55 -15.71
C ALA B 132 -42.15 -11.60 -14.97
N SER B 133 -42.71 -12.13 -13.89
CA SER B 133 -42.08 -13.17 -13.07
C SER B 133 -43.01 -14.37 -13.02
N VAL B 134 -42.63 -15.46 -13.71
CA VAL B 134 -43.30 -16.75 -13.58
C VAL B 134 -42.56 -17.56 -12.55
N VAL B 135 -43.29 -18.36 -11.77
CA VAL B 135 -42.71 -19.02 -10.60
C VAL B 135 -43.22 -20.46 -10.53
N CYS B 136 -42.29 -21.42 -10.54
CA CYS B 136 -42.59 -22.82 -10.35
C CYS B 136 -42.18 -23.23 -8.96
N LEU B 137 -42.99 -24.04 -8.30
CA LEU B 137 -42.70 -24.48 -6.94
C LEU B 137 -42.69 -26.00 -6.90
N LEU B 138 -41.62 -26.57 -6.37
CA LEU B 138 -41.56 -27.99 -6.06
C LEU B 138 -41.59 -28.10 -4.54
N ASN B 139 -42.55 -28.84 -4.02
CA ASN B 139 -42.83 -28.84 -2.59
C ASN B 139 -42.55 -30.20 -1.98
N ASN B 140 -41.72 -30.22 -0.94
CA ASN B 140 -41.59 -31.37 -0.04
C ASN B 140 -41.20 -32.63 -0.82
N PHE B 141 -39.97 -32.61 -1.33
CA PHE B 141 -39.41 -33.73 -2.08
C PHE B 141 -38.05 -34.15 -1.51
N TYR B 142 -37.69 -35.40 -1.79
CA TYR B 142 -36.38 -35.93 -1.44
C TYR B 142 -36.03 -36.98 -2.47
N PRO B 143 -34.76 -37.09 -2.92
CA PRO B 143 -33.54 -36.32 -2.63
C PRO B 143 -33.53 -34.91 -3.21
N ARG B 144 -32.51 -34.13 -2.89
CA ARG B 144 -32.47 -32.73 -3.31
C ARG B 144 -32.42 -32.53 -4.81
N GLU B 145 -32.03 -33.56 -5.57
CA GLU B 145 -31.76 -33.37 -6.99
C GLU B 145 -33.06 -33.36 -7.77
N ALA B 146 -33.17 -32.41 -8.70
CA ALA B 146 -34.38 -32.20 -9.47
C ALA B 146 -34.05 -31.34 -10.67
N LYS B 147 -34.51 -31.76 -11.83
CA LYS B 147 -34.37 -30.97 -13.05
C LYS B 147 -35.68 -30.23 -13.25
N VAL B 148 -35.58 -28.91 -13.47
CA VAL B 148 -36.72 -28.03 -13.67
C VAL B 148 -36.43 -27.20 -14.89
N GLN B 149 -37.13 -27.43 -15.97
CA GLN B 149 -36.92 -26.59 -17.14
C GLN B 149 -38.21 -25.92 -17.60
N TRP B 150 -38.07 -24.68 -18.08
CA TRP B 150 -39.18 -23.89 -18.59
C TRP B 150 -39.36 -24.05 -20.10
N LYS B 151 -40.60 -24.26 -20.53
CA LYS B 151 -40.95 -24.31 -21.94
C LYS B 151 -41.99 -23.23 -22.21
N VAL B 152 -41.66 -22.27 -23.08
CA VAL B 152 -42.52 -21.15 -23.45
C VAL B 152 -42.95 -21.34 -24.89
N ASP B 153 -44.20 -21.77 -25.10
CA ASP B 153 -44.73 -22.08 -26.42
C ASP B 153 -43.92 -23.19 -27.07
N ASN B 154 -43.51 -24.15 -26.25
CA ASN B 154 -42.74 -25.34 -26.56
C ASN B 154 -41.25 -25.04 -26.75
N ALA B 155 -40.83 -23.78 -26.75
CA ALA B 155 -39.42 -23.45 -26.83
C ALA B 155 -38.79 -23.53 -25.45
N LEU B 156 -37.56 -24.04 -25.37
CA LEU B 156 -36.89 -24.23 -24.09
C LEU B 156 -36.08 -22.99 -23.71
N GLN B 157 -36.34 -22.47 -22.51
CA GLN B 157 -35.70 -21.26 -22.00
C GLN B 157 -34.37 -21.61 -21.35
N SER B 158 -33.38 -20.73 -21.54
CA SER B 158 -32.04 -20.98 -21.04
C SER B 158 -31.73 -20.00 -19.92
N GLY B 159 -31.19 -18.82 -20.22
CA GLY B 159 -30.48 -18.08 -19.19
C GLY B 159 -31.26 -17.05 -18.41
N ASN B 160 -32.54 -17.33 -18.14
CA ASN B 160 -33.44 -16.35 -17.53
C ASN B 160 -34.15 -16.90 -16.30
N SER B 161 -33.78 -18.08 -15.82
CA SER B 161 -34.36 -18.67 -14.62
C SER B 161 -33.32 -18.69 -13.51
N GLN B 162 -33.81 -18.60 -12.27
CA GLN B 162 -32.99 -18.72 -11.07
C GLN B 162 -33.70 -19.68 -10.14
N GLU B 163 -32.99 -20.74 -9.73
CA GLU B 163 -33.49 -21.67 -8.73
C GLU B 163 -33.11 -21.21 -7.34
N SER B 164 -33.76 -21.80 -6.36
CA SER B 164 -33.58 -21.48 -4.95
C SER B 164 -34.22 -22.61 -4.13
N VAL B 165 -33.56 -23.05 -3.07
CA VAL B 165 -34.00 -24.27 -2.39
C VAL B 165 -33.78 -24.14 -0.88
N THR B 166 -34.81 -24.54 -0.12
CA THR B 166 -34.80 -24.49 1.34
C THR B 166 -33.84 -25.52 1.92
N GLU B 167 -33.53 -25.35 3.21
CA GLU B 167 -32.81 -26.36 3.96
C GLU B 167 -33.76 -27.51 4.28
N GLN B 168 -33.19 -28.70 4.42
CA GLN B 168 -33.95 -29.87 4.81
C GLN B 168 -34.91 -29.52 5.96
N ASP B 169 -36.18 -29.90 5.80
CA ASP B 169 -37.19 -29.53 6.78
C ASP B 169 -36.93 -30.21 8.11
N SER B 170 -37.37 -29.54 9.18
CA SER B 170 -37.08 -29.98 10.56
C SER B 170 -37.82 -31.26 10.89
N LYS B 171 -39.06 -31.39 10.42
CA LYS B 171 -39.96 -32.47 10.79
C LYS B 171 -39.86 -33.66 9.85
N ASP B 172 -39.98 -33.46 8.53
CA ASP B 172 -40.10 -34.57 7.58
C ASP B 172 -38.87 -34.76 6.70
N SER B 173 -37.85 -33.91 6.84
CA SER B 173 -36.53 -34.08 6.19
C SER B 173 -36.62 -33.97 4.67
N THR B 174 -37.47 -33.07 4.16
CA THR B 174 -37.62 -32.89 2.73
C THR B 174 -37.08 -31.53 2.33
N TYR B 175 -37.01 -31.30 1.03
CA TYR B 175 -36.61 -30.04 0.45
C TYR B 175 -37.76 -29.39 -0.30
N SER B 176 -37.62 -28.10 -0.54
CA SER B 176 -38.55 -27.38 -1.39
C SER B 176 -37.74 -26.46 -2.27
N LEU B 177 -38.19 -26.29 -3.50
CA LEU B 177 -37.43 -25.61 -4.54
C LEU B 177 -38.32 -24.62 -5.26
N SER B 178 -37.74 -23.53 -5.73
CA SER B 178 -38.51 -22.48 -6.40
C SER B 178 -37.72 -21.98 -7.60
N SER B 179 -38.25 -22.22 -8.79
CA SER B 179 -37.69 -21.70 -10.03
C SER B 179 -38.43 -20.42 -10.39
N THR B 180 -37.69 -19.38 -10.73
CA THR B 180 -38.33 -18.11 -11.06
C THR B 180 -37.81 -17.65 -12.43
N LEU B 181 -38.69 -17.75 -13.43
CA LEU B 181 -38.43 -17.26 -14.78
C LEU B 181 -38.85 -15.80 -14.87
N THR B 182 -37.95 -14.94 -15.36
CA THR B 182 -38.17 -13.51 -15.46
C THR B 182 -37.98 -13.09 -16.91
N LEU B 183 -39.05 -12.55 -17.52
CA LEU B 183 -38.97 -11.95 -18.86
C LEU B 183 -39.53 -10.53 -18.81
N SER B 184 -39.15 -9.74 -19.81
CA SER B 184 -39.74 -8.42 -19.99
C SER B 184 -41.18 -8.55 -20.47
N LYS B 185 -42.04 -7.63 -20.02
CA LYS B 185 -43.46 -7.63 -20.41
C LYS B 185 -43.64 -7.78 -21.92
N ALA B 186 -42.83 -7.07 -22.70
CA ALA B 186 -42.85 -7.23 -24.16
C ALA B 186 -42.67 -8.70 -24.57
N ASP B 187 -41.58 -9.34 -24.11
CA ASP B 187 -41.32 -10.73 -24.45
C ASP B 187 -42.38 -11.67 -23.88
N TYR B 188 -43.02 -11.29 -22.79
CA TYR B 188 -44.01 -12.15 -22.16
C TYR B 188 -45.29 -12.24 -22.98
N GLU B 189 -45.65 -11.16 -23.69
CA GLU B 189 -46.91 -11.08 -24.39
C GLU B 189 -46.85 -11.64 -25.81
N LYS B 190 -45.67 -12.03 -26.28
CA LYS B 190 -45.53 -12.72 -27.56
C LYS B 190 -45.88 -14.20 -27.50
N HIS B 191 -46.29 -14.74 -26.35
CA HIS B 191 -46.39 -16.18 -26.18
C HIS B 191 -47.60 -16.56 -25.35
N LYS B 192 -48.07 -17.80 -25.56
CA LYS B 192 -49.34 -18.25 -24.99
C LYS B 192 -49.12 -19.19 -23.81
N VAL B 193 -48.44 -20.33 -24.01
CA VAL B 193 -48.34 -21.37 -23.00
C VAL B 193 -47.00 -21.27 -22.27
N TYR B 194 -47.06 -21.26 -20.94
CA TYR B 194 -45.91 -21.09 -20.06
C TYR B 194 -45.89 -22.37 -19.24
N ALA B 195 -44.98 -23.27 -19.55
CA ALA B 195 -44.96 -24.57 -18.92
C ALA B 195 -43.68 -24.76 -18.14
N CYS B 196 -43.81 -25.47 -17.02
CA CYS B 196 -42.72 -25.82 -16.15
C CYS B 196 -42.70 -27.35 -16.09
N GLU B 197 -41.60 -27.99 -16.50
CA GLU B 197 -41.54 -29.45 -16.44
C GLU B 197 -40.48 -29.90 -15.45
N VAL B 198 -40.84 -30.88 -14.63
CA VAL B 198 -40.07 -31.25 -13.44
C VAL B 198 -39.71 -32.72 -13.54
N THR B 199 -38.43 -33.01 -13.55
CA THR B 199 -37.93 -34.38 -13.55
C THR B 199 -37.37 -34.67 -12.17
N HIS B 200 -37.76 -35.81 -11.60
CA HIS B 200 -37.33 -36.15 -10.27
C HIS B 200 -37.44 -37.65 -10.07
N GLN B 201 -36.48 -38.20 -9.32
CA GLN B 201 -36.43 -39.64 -9.05
C GLN B 201 -37.76 -40.21 -8.56
N GLY B 202 -38.50 -39.44 -7.75
CA GLY B 202 -39.75 -39.88 -7.17
C GLY B 202 -40.93 -39.96 -8.12
N LEU B 203 -40.77 -39.47 -9.34
CA LEU B 203 -41.83 -39.41 -10.34
C LEU B 203 -41.64 -40.47 -11.41
N SER B 204 -42.72 -41.18 -11.75
CA SER B 204 -42.62 -42.20 -12.80
C SER B 204 -42.31 -41.59 -14.16
N SER B 205 -42.75 -40.35 -14.41
CA SER B 205 -42.40 -39.58 -15.59
C SER B 205 -42.43 -38.12 -15.19
N PRO B 206 -41.84 -37.23 -16.00
CA PRO B 206 -41.86 -35.81 -15.61
C PRO B 206 -43.30 -35.31 -15.49
N VAL B 207 -43.50 -34.27 -14.69
CA VAL B 207 -44.80 -33.63 -14.59
C VAL B 207 -44.69 -32.23 -15.14
N THR B 208 -45.61 -31.86 -16.04
CA THR B 208 -45.71 -30.52 -16.56
C THR B 208 -46.89 -29.79 -15.93
N LYS B 209 -46.69 -28.52 -15.60
CA LYS B 209 -47.76 -27.67 -15.11
C LYS B 209 -47.66 -26.35 -15.84
N SER B 210 -48.75 -25.93 -16.48
CA SER B 210 -48.70 -24.78 -17.37
C SER B 210 -49.98 -23.95 -17.22
N PHE B 211 -49.98 -22.84 -17.95
CA PHE B 211 -51.13 -21.95 -18.01
C PHE B 211 -51.03 -21.21 -19.34
N ASN B 212 -52.19 -20.72 -19.82
CA ASN B 212 -52.24 -19.86 -21.00
C ASN B 212 -52.32 -18.41 -20.54
N ARG B 213 -51.63 -17.54 -21.28
CA ARG B 213 -51.47 -16.15 -20.89
C ARG B 213 -52.78 -15.40 -20.87
N GLY B 214 -53.78 -15.84 -21.65
CA GLY B 214 -55.11 -15.25 -21.60
C GLY B 214 -55.79 -15.30 -20.24
N GLU B 215 -56.08 -16.51 -19.74
CA GLU B 215 -56.82 -16.70 -18.50
C GLU B 215 -56.25 -15.95 -17.29
N GLN C 1 9.91 1.23 -24.40
CA GLN C 1 11.33 1.55 -24.37
C GLN C 1 11.54 3.04 -24.66
N VAL C 2 10.58 3.86 -24.22
CA VAL C 2 10.73 5.31 -24.25
C VAL C 2 11.76 5.75 -23.21
N GLN C 3 12.63 6.68 -23.60
CA GLN C 3 13.69 7.11 -22.70
C GLN C 3 14.07 8.55 -23.02
N LEU C 4 14.68 9.20 -22.03
CA LEU C 4 15.04 10.61 -22.14
C LEU C 4 16.52 10.79 -21.84
N GLN C 5 17.23 11.47 -22.73
CA GLN C 5 18.64 11.80 -22.52
C GLN C 5 18.77 13.31 -22.42
N GLN C 6 19.61 13.77 -21.48
CA GLN C 6 19.78 15.20 -21.23
C GLN C 6 21.27 15.50 -21.04
N TRP C 7 21.60 16.79 -21.21
CA TRP C 7 22.96 17.26 -21.13
C TRP C 7 22.94 18.77 -20.96
N GLY C 8 24.10 19.32 -20.67
CA GLY C 8 24.20 20.76 -20.50
C GLY C 8 25.40 21.12 -19.65
N ALA C 9 25.67 22.42 -19.61
CA ALA C 9 26.78 22.94 -18.81
C ALA C 9 26.54 22.62 -17.34
N GLY C 10 27.56 22.09 -16.67
CA GLY C 10 27.40 21.69 -15.29
C GLY C 10 28.17 22.45 -14.21
N LEU C 11 28.83 23.55 -14.57
CA LEU C 11 29.48 24.39 -13.57
C LEU C 11 29.46 25.83 -14.07
N LEU C 12 28.84 26.72 -13.29
CA LEU C 12 28.57 28.08 -13.74
C LEU C 12 28.98 29.04 -12.62
N LYS C 13 29.32 30.27 -13.01
CA LYS C 13 29.67 31.34 -12.07
C LYS C 13 28.40 32.06 -11.61
N PRO C 14 28.46 32.77 -10.48
CA PRO C 14 27.24 33.20 -9.80
C PRO C 14 26.38 34.23 -10.50
N SER C 15 26.80 34.84 -11.60
CA SER C 15 25.88 35.77 -12.27
C SER C 15 25.27 35.22 -13.55
N GLU C 16 25.76 34.07 -14.05
CA GLU C 16 25.46 33.57 -15.38
C GLU C 16 24.06 32.97 -15.51
N THR C 17 23.90 32.08 -16.49
CA THR C 17 22.59 31.53 -16.82
C THR C 17 22.69 30.02 -17.04
N LEU C 18 21.84 29.27 -16.35
CA LEU C 18 21.79 27.82 -16.53
C LEU C 18 21.09 27.47 -17.82
N SER C 19 21.55 26.38 -18.45
CA SER C 19 20.97 25.93 -19.72
C SER C 19 21.14 24.42 -19.87
N LEU C 20 20.03 23.71 -20.03
CA LEU C 20 20.06 22.29 -20.39
C LEU C 20 18.95 21.98 -21.37
N THR C 21 19.14 20.90 -22.12
CA THR C 21 18.14 20.41 -23.05
C THR C 21 17.92 18.93 -22.79
N CYS C 22 16.74 18.43 -23.16
CA CYS C 22 16.33 17.05 -22.95
C CYS C 22 15.81 16.50 -24.28
N ALA C 23 16.00 15.20 -24.51
CA ALA C 23 15.68 14.60 -25.80
C ALA C 23 14.86 13.35 -25.58
N VAL C 24 13.68 13.31 -26.19
CA VAL C 24 12.80 12.16 -26.09
C VAL C 24 13.15 11.21 -27.21
N TYR C 25 13.33 9.94 -26.88
CA TYR C 25 13.64 8.92 -27.87
C TYR C 25 12.71 7.72 -27.69
N GLY C 26 12.35 7.10 -28.81
CA GLY C 26 11.60 5.86 -28.79
C GLY C 26 10.13 6.01 -28.50
N GLY C 27 9.58 7.23 -28.56
CA GLY C 27 8.18 7.43 -28.25
C GLY C 27 7.71 8.75 -28.80
N SER C 28 6.38 8.88 -28.85
CA SER C 28 5.77 10.10 -29.39
C SER C 28 6.06 11.29 -28.49
N PHE C 29 6.10 12.47 -29.10
CA PHE C 29 6.42 13.69 -28.40
C PHE C 29 5.23 14.64 -28.24
N SER C 30 4.05 14.33 -28.82
CA SER C 30 3.07 15.41 -28.97
C SER C 30 1.99 15.40 -27.89
N GLY C 31 1.32 14.27 -27.72
CA GLY C 31 0.21 14.19 -26.75
C GLY C 31 0.59 14.20 -25.29
N TYR C 32 1.69 14.87 -24.92
CA TYR C 32 2.27 14.79 -23.59
C TYR C 32 2.67 16.18 -23.09
N TYR C 33 2.79 16.32 -21.76
CA TYR C 33 3.44 17.47 -21.14
C TYR C 33 4.84 17.08 -20.62
N TRP C 34 5.80 18.01 -20.73
CA TRP C 34 7.21 17.72 -20.42
C TRP C 34 7.72 18.74 -19.41
N SER C 35 8.16 18.26 -18.23
CA SER C 35 8.48 19.12 -17.10
C SER C 35 9.96 19.07 -16.75
N TRP C 36 10.41 20.14 -16.10
CA TRP C 36 11.74 20.27 -15.52
C TRP C 36 11.62 20.30 -13.99
N ILE C 37 12.28 19.35 -13.33
CA ILE C 37 12.25 19.20 -11.88
C ILE C 37 13.66 19.14 -11.36
N ARG C 38 13.97 19.93 -10.33
CA ARG C 38 15.28 19.94 -9.72
C ARG C 38 15.23 19.41 -8.30
N GLN C 39 16.34 18.80 -7.86
CA GLN C 39 16.46 18.19 -6.54
C GLN C 39 17.72 18.68 -5.88
N SER C 40 17.57 19.31 -4.74
CA SER C 40 18.59 19.93 -3.94
C SER C 40 18.64 19.24 -2.58
N PRO C 41 19.81 19.06 -1.98
CA PRO C 41 19.84 18.49 -0.62
C PRO C 41 19.28 19.43 0.44
N GLU C 42 19.26 20.73 0.18
CA GLU C 42 18.75 21.71 1.13
C GLU C 42 17.25 21.88 0.99
N LYS C 43 16.79 22.21 -0.22
CA LYS C 43 15.39 22.56 -0.44
C LYS C 43 14.56 21.40 -1.03
N GLY C 44 15.16 20.25 -1.28
CA GLY C 44 14.41 19.07 -1.69
C GLY C 44 13.98 19.10 -3.14
N LEU C 45 13.03 18.22 -3.46
CA LEU C 45 12.44 18.16 -4.79
C LEU C 45 11.53 19.36 -5.05
N GLU C 46 11.70 19.99 -6.21
CA GLU C 46 10.99 21.22 -6.55
C GLU C 46 10.67 21.20 -8.05
N TRP C 47 9.40 21.44 -8.39
CA TRP C 47 8.99 21.48 -9.80
C TRP C 47 9.23 22.87 -10.37
N ILE C 48 9.83 22.93 -11.56
CA ILE C 48 10.14 24.21 -12.18
C ILE C 48 9.03 24.64 -13.14
N GLY C 49 8.67 23.78 -14.10
CA GLY C 49 7.64 24.12 -15.08
C GLY C 49 7.47 23.01 -16.09
N GLU C 50 6.54 23.23 -17.03
CA GLU C 50 6.24 22.24 -18.06
C GLU C 50 5.86 22.95 -19.35
N ILE C 51 5.84 22.17 -20.45
CA ILE C 51 5.54 22.69 -21.78
C ILE C 51 4.97 21.54 -22.60
N ASN C 52 4.14 21.86 -23.60
CA ASN C 52 3.59 20.82 -24.47
C ASN C 52 4.03 21.04 -25.92
N HIS C 53 3.64 20.11 -26.79
CA HIS C 53 4.01 20.18 -28.20
C HIS C 53 3.68 21.55 -28.81
N GLY C 54 2.61 22.19 -28.34
CA GLY C 54 2.19 23.50 -28.76
C GLY C 54 2.96 24.66 -28.20
N GLY C 55 3.94 24.42 -27.32
CA GLY C 55 4.72 25.52 -26.79
C GLY C 55 4.02 26.36 -25.73
N TYR C 56 2.93 25.86 -25.15
CA TYR C 56 2.27 26.52 -24.02
C TYR C 56 2.92 26.07 -22.71
N VAL C 57 3.33 27.03 -21.88
CA VAL C 57 4.10 26.74 -20.68
C VAL C 57 3.31 27.09 -19.43
N THR C 58 3.59 26.35 -18.36
CA THR C 58 3.21 26.68 -16.98
C THR C 58 4.49 26.79 -16.17
N TYR C 59 4.59 27.79 -15.30
CA TYR C 59 5.78 27.94 -14.47
C TYR C 59 5.42 27.93 -12.98
N ASN C 60 6.33 27.37 -12.19
CA ASN C 60 6.30 27.51 -10.74
C ASN C 60 6.40 28.98 -10.37
N PRO C 61 5.42 29.55 -9.68
CA PRO C 61 5.44 31.00 -9.44
C PRO C 61 6.67 31.49 -8.70
N SER C 62 7.33 30.62 -7.92
CA SER C 62 8.54 31.02 -7.22
C SER C 62 9.70 31.29 -8.17
N LEU C 63 9.65 30.76 -9.38
CA LEU C 63 10.75 30.90 -10.34
C LEU C 63 10.31 31.50 -11.66
N GLU C 64 9.08 32.02 -11.75
CA GLU C 64 8.55 32.47 -13.02
C GLU C 64 9.43 33.54 -13.64
N SER C 65 9.97 34.44 -12.81
CA SER C 65 10.77 35.55 -13.33
C SER C 65 12.00 35.05 -14.09
N ARG C 66 12.73 34.11 -13.52
CA ARG C 66 14.05 33.74 -14.00
C ARG C 66 14.03 32.61 -15.02
N VAL C 67 12.86 32.04 -15.31
CA VAL C 67 12.76 30.78 -16.02
C VAL C 67 12.18 31.01 -17.42
N THR C 68 12.74 30.28 -18.39
CA THR C 68 12.16 30.14 -19.73
C THR C 68 12.34 28.69 -20.19
N ILE C 69 11.25 28.04 -20.57
CA ILE C 69 11.25 26.67 -21.07
C ILE C 69 10.77 26.70 -22.51
N SER C 70 11.61 26.27 -23.45
CA SER C 70 11.26 26.29 -24.86
C SER C 70 11.25 24.87 -25.44
N VAL C 71 10.59 24.72 -26.58
CA VAL C 71 10.49 23.43 -27.23
C VAL C 71 10.98 23.55 -28.67
N ASP C 72 11.56 22.46 -29.16
CA ASP C 72 12.01 22.32 -30.53
C ASP C 72 11.23 21.14 -31.13
N THR C 73 10.07 21.44 -31.71
CA THR C 73 9.17 20.41 -32.24
C THR C 73 9.84 19.50 -33.25
N SER C 74 10.91 20.00 -33.87
CA SER C 74 11.59 19.27 -34.95
C SER C 74 12.36 18.07 -34.43
N LYS C 75 13.31 18.30 -33.50
CA LYS C 75 14.27 17.31 -33.00
C LYS C 75 13.71 16.49 -31.84
N ASN C 76 12.46 16.71 -31.43
CA ASN C 76 11.85 16.08 -30.25
C ASN C 76 12.63 16.43 -28.97
N GLN C 77 12.92 17.72 -28.80
CA GLN C 77 13.72 18.23 -27.70
C GLN C 77 12.99 19.40 -27.04
N PHE C 78 13.24 19.58 -25.74
CA PHE C 78 12.83 20.78 -25.04
C PHE C 78 13.95 21.20 -24.11
N SER C 79 14.01 22.49 -23.80
CA SER C 79 15.12 23.08 -23.07
C SER C 79 14.63 23.83 -21.84
N LEU C 80 15.57 24.12 -20.94
CA LEU C 80 15.31 24.96 -19.78
C LEU C 80 16.49 25.91 -19.62
N LYS C 81 16.17 27.17 -19.31
CA LYS C 81 17.17 28.20 -19.08
C LYS C 81 16.72 29.04 -17.89
N LEU C 82 17.63 29.25 -16.95
CA LEU C 82 17.33 29.96 -15.71
C LEU C 82 18.27 31.15 -15.62
N SER C 83 17.71 32.34 -15.82
CA SER C 83 18.47 33.57 -15.77
C SER C 83 19.13 33.77 -14.40
N SER C 84 20.19 34.56 -14.40
CA SER C 84 20.81 35.16 -13.20
C SER C 84 20.77 34.23 -11.99
N VAL C 85 21.59 33.18 -12.06
CA VAL C 85 21.59 32.13 -11.05
C VAL C 85 22.35 32.55 -9.79
N THR C 86 22.39 31.64 -8.82
CA THR C 86 22.90 31.90 -7.48
C THR C 86 23.38 30.56 -6.95
N ALA C 87 24.23 30.60 -5.93
CA ALA C 87 24.67 29.36 -5.30
C ALA C 87 23.49 28.48 -4.87
N ALA C 88 22.34 29.09 -4.58
CA ALA C 88 21.13 28.36 -4.20
C ALA C 88 20.53 27.54 -5.33
N ASP C 89 21.01 27.71 -6.56
CA ASP C 89 20.45 26.93 -7.66
C ASP C 89 21.22 25.66 -7.94
N THR C 90 22.30 25.41 -7.19
CA THR C 90 22.98 24.12 -7.27
C THR C 90 22.01 23.00 -6.95
N ALA C 91 21.85 22.07 -7.88
CA ALA C 91 20.91 20.99 -7.69
C ALA C 91 21.04 20.04 -8.88
N VAL C 92 20.48 18.86 -8.72
CA VAL C 92 20.35 17.92 -9.82
C VAL C 92 19.07 18.27 -10.54
N TYR C 93 19.17 18.56 -11.84
CA TYR C 93 18.02 18.93 -12.66
C TYR C 93 17.57 17.71 -13.45
N TYR C 94 16.29 17.36 -13.32
CA TYR C 94 15.72 16.24 -14.06
C TYR C 94 14.73 16.74 -15.08
N CYS C 95 14.62 16.02 -16.19
CA CYS C 95 13.54 16.25 -17.13
C CYS C 95 12.61 15.05 -17.07
N ALA C 96 11.31 15.30 -17.09
CA ALA C 96 10.42 14.17 -16.98
C ALA C 96 9.13 14.43 -17.75
N ARG C 97 8.45 13.34 -18.05
CA ARG C 97 7.21 13.35 -18.80
C ARG C 97 6.06 13.30 -17.80
N ASP C 98 5.12 14.21 -17.93
CA ASP C 98 3.91 14.16 -17.12
C ASP C 98 3.12 12.91 -17.43
N TYR C 99 2.43 12.40 -16.41
CA TYR C 99 1.57 11.25 -16.56
C TYR C 99 0.19 11.55 -16.00
N GLY C 100 -0.81 10.94 -16.61
CA GLY C 100 -2.14 10.96 -16.08
C GLY C 100 -2.87 9.74 -16.60
N PRO C 101 -3.91 9.34 -15.93
CA PRO C 101 -4.73 8.24 -16.45
C PRO C 101 -5.82 8.75 -17.40
N GLY C 102 -6.34 9.95 -17.14
CA GLY C 102 -7.37 10.51 -17.98
C GLY C 102 -7.17 11.96 -18.35
N ASN C 103 -8.04 12.83 -17.82
CA ASN C 103 -8.06 14.22 -18.24
C ASN C 103 -6.82 14.99 -17.79
N TYR C 104 -6.44 14.84 -16.52
CA TYR C 104 -5.27 15.51 -15.99
C TYR C 104 -3.99 14.69 -16.21
N ASP C 105 -2.90 15.38 -16.53
CA ASP C 105 -1.57 14.79 -16.58
C ASP C 105 -0.74 15.35 -15.42
N TRP C 106 -1.06 14.89 -14.21
CA TRP C 106 -0.67 15.56 -12.99
C TRP C 106 0.42 14.83 -12.22
N TYR C 107 0.95 13.74 -12.75
CA TYR C 107 2.04 13.02 -12.11
C TYR C 107 3.26 12.95 -13.01
N PHE C 108 4.19 12.04 -12.73
CA PHE C 108 5.40 11.92 -13.53
C PHE C 108 5.73 10.43 -13.63
N ASP C 109 5.64 9.87 -14.83
CA ASP C 109 5.88 8.45 -15.00
C ASP C 109 7.21 8.09 -15.63
N LEU C 110 7.97 9.06 -16.12
CA LEU C 110 9.22 8.68 -16.77
C LEU C 110 10.21 9.84 -16.66
N TRP C 111 11.44 9.54 -16.20
CA TRP C 111 12.40 10.56 -15.81
C TRP C 111 13.74 10.39 -16.51
N GLY C 112 14.39 11.52 -16.76
CA GLY C 112 15.77 11.52 -17.21
C GLY C 112 16.72 11.06 -16.11
N ARG C 113 17.96 10.78 -16.50
CA ARG C 113 18.95 10.43 -15.50
C ARG C 113 19.28 11.61 -14.59
N GLY C 114 18.90 12.82 -15.00
CA GLY C 114 19.23 14.02 -14.27
C GLY C 114 20.68 14.40 -14.47
N THR C 115 20.95 15.71 -14.54
CA THR C 115 22.32 16.19 -14.61
C THR C 115 22.51 17.22 -13.51
N LEU C 116 23.60 17.08 -12.77
CA LEU C 116 23.90 17.96 -11.67
C LEU C 116 24.56 19.24 -12.17
N VAL C 117 24.03 20.38 -11.74
CA VAL C 117 24.55 21.70 -12.10
C VAL C 117 25.01 22.41 -10.83
N THR C 118 26.28 22.77 -10.77
CA THR C 118 26.86 23.39 -9.60
C THR C 118 27.27 24.81 -9.95
N VAL C 119 27.06 25.71 -8.99
CA VAL C 119 27.16 27.16 -9.18
C VAL C 119 28.03 27.73 -8.07
N SER C 120 29.16 28.35 -8.42
CA SER C 120 30.10 28.78 -7.39
C SER C 120 31.00 29.91 -7.89
N SER C 121 31.36 30.83 -6.96
CA SER C 121 32.28 31.95 -7.18
C SER C 121 33.74 31.53 -7.18
N ALA C 122 34.02 30.24 -7.14
CA ALA C 122 35.37 29.74 -7.04
C ALA C 122 35.88 29.34 -8.42
N SER C 123 37.21 29.28 -8.55
CA SER C 123 37.85 28.80 -9.77
C SER C 123 38.64 27.54 -9.45
N THR C 124 38.91 26.77 -10.51
CA THR C 124 39.52 25.46 -10.38
C THR C 124 40.83 25.53 -9.59
N LYS C 125 40.99 24.58 -8.67
CA LYS C 125 42.21 24.42 -7.90
C LYS C 125 42.46 22.93 -7.72
N GLY C 126 43.56 22.60 -7.06
CA GLY C 126 44.02 21.24 -6.99
C GLY C 126 44.12 20.74 -5.57
N PRO C 127 43.93 19.42 -5.40
CA PRO C 127 43.84 18.84 -4.06
C PRO C 127 45.21 18.64 -3.43
N SER C 128 45.47 19.33 -2.32
CA SER C 128 46.59 18.96 -1.46
C SER C 128 46.27 17.64 -0.76
N VAL C 129 47.19 16.70 -0.79
CA VAL C 129 46.96 15.41 -0.16
C VAL C 129 47.92 15.27 1.02
N PHE C 130 47.42 14.75 2.13
CA PHE C 130 48.19 14.57 3.35
C PHE C 130 47.88 13.21 3.93
N PRO C 131 48.82 12.61 4.65
CA PRO C 131 48.54 11.32 5.29
C PRO C 131 47.90 11.47 6.66
N LEU C 132 47.06 10.49 6.97
CA LEU C 132 46.55 10.31 8.31
C LEU C 132 47.22 9.03 8.78
N ALA C 133 48.38 9.19 9.40
CA ALA C 133 49.23 8.06 9.72
C ALA C 133 48.71 7.31 10.94
N PRO C 134 48.90 5.99 10.98
CA PRO C 134 48.40 5.20 12.11
C PRO C 134 49.15 5.50 13.39
N SER C 135 48.41 5.67 14.49
CA SER C 135 48.97 6.13 15.74
C SER C 135 49.14 4.96 16.71
N SER C 136 50.37 4.77 17.17
CA SER C 136 50.72 3.80 18.22
C SER C 136 49.82 3.85 19.46
N SER C 140 44.91 1.35 18.87
CA SER C 140 45.20 0.24 17.96
C SER C 140 45.36 -1.10 18.68
N GLY C 141 44.23 -1.70 19.05
CA GLY C 141 44.22 -2.99 19.74
C GLY C 141 43.98 -4.19 18.83
N GLY C 142 44.95 -4.50 17.97
CA GLY C 142 44.83 -5.53 16.94
C GLY C 142 44.57 -4.99 15.55
N THR C 143 44.02 -3.78 15.44
CA THR C 143 43.55 -3.17 14.20
C THR C 143 44.05 -1.75 14.12
N ALA C 144 44.62 -1.37 12.99
CA ALA C 144 45.09 -0.01 12.81
C ALA C 144 44.26 0.70 11.76
N ALA C 145 44.33 2.03 11.76
CA ALA C 145 43.61 2.82 10.80
C ALA C 145 44.55 3.86 10.24
N LEU C 146 44.42 4.12 8.95
CA LEU C 146 45.22 5.12 8.29
C LEU C 146 44.42 5.66 7.12
N GLY C 147 44.92 6.72 6.52
CA GLY C 147 44.29 7.19 5.30
C GLY C 147 44.84 8.52 4.85
N CYS C 148 44.13 9.09 3.88
CA CYS C 148 44.53 10.29 3.16
C CYS C 148 43.51 11.39 3.36
N LEU C 149 44.00 12.63 3.43
CA LEU C 149 43.15 13.79 3.65
C LEU C 149 43.30 14.69 2.43
N VAL C 150 42.38 14.54 1.48
CA VAL C 150 42.32 15.33 0.25
C VAL C 150 41.65 16.67 0.53
N LYS C 151 42.39 17.77 0.41
CA LYS C 151 41.92 19.03 0.96
C LYS C 151 42.10 20.17 -0.03
N ASP C 152 41.18 21.13 0.01
CA ASP C 152 41.30 22.44 -0.64
C ASP C 152 41.32 22.33 -2.17
N TYR C 153 40.29 21.70 -2.72
CA TYR C 153 40.23 21.52 -4.16
C TYR C 153 38.90 22.00 -4.72
N PHE C 154 38.85 22.07 -6.04
CA PHE C 154 37.67 22.53 -6.77
C PHE C 154 37.79 22.25 -8.26
N PRO C 155 36.70 21.85 -8.92
CA PRO C 155 35.47 21.43 -8.26
C PRO C 155 35.44 19.92 -8.19
N GLU C 156 34.37 19.35 -7.68
CA GLU C 156 34.27 17.91 -7.63
C GLU C 156 34.05 17.39 -9.05
N PRO C 157 34.30 16.09 -9.30
CA PRO C 157 34.68 15.02 -8.37
C PRO C 157 36.18 14.82 -8.24
N VAL C 158 36.57 14.08 -7.21
CA VAL C 158 37.90 13.50 -7.15
C VAL C 158 37.73 12.03 -6.88
N THR C 159 38.63 11.24 -7.46
CA THR C 159 38.65 9.80 -7.29
C THR C 159 39.70 9.43 -6.25
N VAL C 160 39.43 8.38 -5.48
CA VAL C 160 40.39 7.93 -4.48
C VAL C 160 40.36 6.41 -4.47
N SER C 161 41.53 5.78 -4.66
CA SER C 161 41.71 4.34 -4.58
C SER C 161 42.89 4.06 -3.66
N TRP C 162 42.98 2.82 -3.19
CA TRP C 162 44.03 2.41 -2.26
C TRP C 162 44.83 1.28 -2.88
N ASN C 163 46.12 1.54 -3.15
CA ASN C 163 47.04 0.59 -3.78
C ASN C 163 46.61 0.32 -5.23
N SER C 164 46.29 1.38 -5.96
CA SER C 164 45.96 1.33 -7.38
C SER C 164 44.80 0.37 -7.68
N GLY C 165 43.87 0.28 -6.73
CA GLY C 165 42.69 -0.55 -6.88
C GLY C 165 42.79 -1.91 -6.20
N ALA C 166 43.91 -2.20 -5.55
CA ALA C 166 44.09 -3.53 -4.97
C ALA C 166 43.37 -3.67 -3.63
N LEU C 167 43.41 -2.62 -2.80
CA LEU C 167 42.84 -2.63 -1.46
C LEU C 167 41.41 -2.08 -1.50
N THR C 168 40.44 -2.91 -1.10
CA THR C 168 39.04 -2.49 -1.10
C THR C 168 38.26 -2.95 0.11
N SER C 169 38.84 -3.75 1.02
CA SER C 169 38.05 -4.46 2.01
C SER C 169 37.42 -3.50 3.02
N GLY C 170 38.26 -2.74 3.71
CA GLY C 170 37.77 -1.88 4.79
C GLY C 170 37.91 -0.40 4.48
N VAL C 171 37.69 -0.02 3.22
CA VAL C 171 37.84 1.38 2.80
C VAL C 171 36.55 2.14 3.03
N HIS C 172 36.68 3.34 3.56
CA HIS C 172 35.57 4.30 3.67
C HIS C 172 36.05 5.61 3.09
N THR C 173 35.49 6.02 1.95
CA THR C 173 35.75 7.37 1.44
C THR C 173 34.54 8.24 1.75
N PHE C 174 34.77 9.31 2.52
CA PHE C 174 33.67 10.11 3.02
C PHE C 174 33.26 11.13 1.98
N PRO C 175 32.00 11.55 2.01
CA PRO C 175 31.55 12.60 1.10
C PRO C 175 32.28 13.89 1.39
N ALA C 176 32.45 14.69 0.35
CA ALA C 176 33.14 15.96 0.49
C ALA C 176 32.23 16.96 1.16
N VAL C 177 32.83 17.92 1.83
CA VAL C 177 32.08 19.01 2.43
C VAL C 177 32.68 20.33 1.92
N LEU C 178 31.82 21.21 1.44
CA LEU C 178 32.25 22.52 0.98
C LEU C 178 32.58 23.40 2.19
N GLN C 179 33.80 23.89 2.28
CA GLN C 179 34.21 24.71 3.42
C GLN C 179 33.95 26.17 3.13
N SER C 180 34.01 27.00 4.19
CA SER C 180 33.77 28.43 4.07
C SER C 180 34.65 29.06 2.99
N SER C 181 35.80 28.44 2.73
CA SER C 181 36.68 28.84 1.62
C SER C 181 36.01 28.77 0.24
N GLY C 182 34.96 27.96 0.06
CA GLY C 182 34.46 27.70 -1.28
C GLY C 182 35.07 26.50 -1.95
N LEU C 183 36.03 25.85 -1.30
CA LEU C 183 36.70 24.67 -1.83
C LEU C 183 36.29 23.43 -1.04
N TYR C 184 36.35 22.27 -1.69
CA TYR C 184 35.93 21.03 -1.08
C TYR C 184 37.07 20.39 -0.29
N SER C 185 36.73 19.36 0.47
CA SER C 185 37.68 18.65 1.32
C SER C 185 37.06 17.32 1.72
N LEU C 186 37.86 16.26 1.74
CA LEU C 186 37.35 14.95 2.09
C LEU C 186 38.47 14.06 2.60
N SER C 187 38.09 12.97 3.25
CA SER C 187 39.04 12.03 3.81
C SER C 187 38.71 10.65 3.29
N SER C 188 39.73 9.84 3.11
CA SER C 188 39.56 8.42 2.86
C SER C 188 40.40 7.67 3.86
N VAL C 189 39.81 6.66 4.50
CA VAL C 189 40.48 5.91 5.55
C VAL C 189 40.27 4.43 5.26
N VAL C 190 41.10 3.60 5.86
CA VAL C 190 40.99 2.15 5.68
C VAL C 190 41.50 1.48 6.93
N THR C 191 40.85 0.38 7.32
CA THR C 191 41.27 -0.39 8.48
C THR C 191 42.06 -1.60 8.00
N VAL C 192 43.19 -1.83 8.66
CA VAL C 192 44.18 -2.85 8.29
C VAL C 192 44.68 -3.50 9.57
N PRO C 193 45.28 -4.68 9.47
CA PRO C 193 45.88 -5.28 10.68
C PRO C 193 47.10 -4.49 11.13
N SER C 194 47.20 -4.27 12.45
CA SER C 194 48.34 -3.49 12.94
C SER C 194 49.63 -4.28 12.78
N SER C 195 49.55 -5.61 12.80
CA SER C 195 50.69 -6.46 12.49
C SER C 195 51.31 -6.09 11.15
N SER C 196 50.55 -6.25 10.07
CA SER C 196 51.00 -5.95 8.72
C SER C 196 51.12 -4.46 8.51
N LEU C 197 52.00 -3.78 9.25
CA LEU C 197 52.08 -2.33 9.14
C LEU C 197 53.44 -1.85 8.66
N GLY C 198 54.53 -2.28 9.31
CA GLY C 198 55.84 -2.03 8.75
C GLY C 198 56.18 -2.96 7.59
N THR C 199 55.54 -4.13 7.55
CA THR C 199 55.73 -5.07 6.44
C THR C 199 55.03 -4.56 5.16
N GLN C 200 53.69 -4.52 5.17
CA GLN C 200 52.93 -4.11 3.99
C GLN C 200 52.91 -2.59 3.85
N THR C 201 52.78 -2.13 2.60
CA THR C 201 52.84 -0.70 2.26
C THR C 201 51.51 -0.22 1.69
N TYR C 202 51.09 0.97 2.12
CA TYR C 202 49.79 1.52 1.76
C TYR C 202 49.98 2.91 1.14
N ILE C 203 49.56 3.04 -0.11
CA ILE C 203 49.63 4.29 -0.85
C ILE C 203 48.24 4.61 -1.36
N CYS C 204 47.81 5.85 -1.22
CA CYS C 204 46.51 6.26 -1.69
C CYS C 204 46.67 6.99 -3.01
N ASN C 205 45.80 6.67 -3.97
CA ASN C 205 45.87 7.20 -5.32
C ASN C 205 44.72 8.17 -5.51
N VAL C 206 45.04 9.46 -5.63
CA VAL C 206 44.08 10.55 -5.78
C VAL C 206 44.19 11.10 -7.19
N ASN C 207 43.05 11.22 -7.87
CA ASN C 207 43.01 11.81 -9.22
C ASN C 207 41.89 12.84 -9.29
N HIS C 208 42.24 14.06 -9.72
CA HIS C 208 41.31 15.17 -9.85
C HIS C 208 41.30 15.67 -11.29
N LYS C 209 40.43 15.08 -12.11
CA LYS C 209 40.43 15.34 -13.55
C LYS C 209 40.29 16.81 -13.95
N PRO C 210 39.48 17.64 -13.28
CA PRO C 210 39.41 19.06 -13.71
C PRO C 210 40.74 19.81 -13.71
N SER C 211 41.71 19.46 -12.87
CA SER C 211 43.00 20.16 -12.86
C SER C 211 44.14 19.24 -13.29
N ASN C 212 43.81 18.10 -13.90
CA ASN C 212 44.72 17.04 -14.34
C ASN C 212 45.75 16.65 -13.28
N THR C 213 45.49 16.98 -12.02
CA THR C 213 46.29 16.50 -10.91
C THR C 213 46.06 15.00 -10.71
N LYS C 214 47.12 14.26 -10.39
CA LYS C 214 46.96 12.84 -10.09
C LYS C 214 48.02 12.39 -9.07
N VAL C 215 47.93 12.94 -7.85
CA VAL C 215 48.90 12.71 -6.77
C VAL C 215 48.79 11.30 -6.21
N ASP C 216 49.94 10.66 -5.95
CA ASP C 216 50.03 9.48 -5.10
C ASP C 216 50.80 9.85 -3.83
N LYS C 217 50.43 9.24 -2.71
CA LYS C 217 51.04 9.58 -1.43
C LYS C 217 51.11 8.35 -0.54
N LYS C 218 52.30 8.04 -0.04
CA LYS C 218 52.49 6.92 0.85
C LYS C 218 52.16 7.35 2.27
N VAL C 219 51.50 6.45 3.00
CA VAL C 219 51.20 6.69 4.41
C VAL C 219 52.02 5.70 5.23
N GLU C 220 52.87 6.23 6.10
CA GLU C 220 53.78 5.38 6.84
C GLU C 220 53.71 5.73 8.31
N PRO C 221 53.82 4.73 9.21
CA PRO C 221 53.67 5.01 10.64
C PRO C 221 54.57 6.12 11.16
N LYS C 222 54.17 6.75 12.26
CA LYS C 222 54.94 7.84 12.85
C LYS C 222 55.98 7.28 13.85
N GLU D 1 -0.10 28.47 -1.43
CA GLU D 1 0.61 27.27 -1.85
C GLU D 1 0.49 26.15 -0.82
N ILE D 2 0.37 24.94 -1.32
CA ILE D 2 0.15 23.76 -0.50
C ILE D 2 1.50 23.15 -0.14
N VAL D 3 1.61 22.62 1.07
CA VAL D 3 2.86 22.10 1.61
C VAL D 3 2.59 20.71 2.17
N LEU D 4 3.26 19.70 1.61
CA LEU D 4 3.22 18.36 2.17
C LEU D 4 4.32 18.21 3.21
N THR D 5 4.00 17.58 4.35
CA THR D 5 5.00 17.24 5.37
C THR D 5 4.89 15.76 5.70
N GLN D 6 5.99 15.02 5.50
CA GLN D 6 5.98 13.59 5.77
C GLN D 6 6.57 13.31 7.14
N SER D 7 6.05 12.27 7.78
CA SER D 7 6.46 11.83 9.09
C SER D 7 6.47 10.32 9.09
N PRO D 8 7.43 9.70 9.78
CA PRO D 8 8.55 10.39 10.42
C PRO D 8 9.64 10.73 9.40
N ALA D 9 10.67 11.49 9.77
CA ALA D 9 11.71 11.78 8.78
C ALA D 9 12.48 10.53 8.38
N THR D 10 12.60 9.55 9.29
CA THR D 10 13.34 8.32 9.05
C THR D 10 12.66 7.18 9.78
N LEU D 11 12.41 6.10 9.05
CA LEU D 11 11.91 4.85 9.61
C LEU D 11 13.03 3.82 9.59
N SER D 12 13.34 3.23 10.73
CA SER D 12 14.29 2.14 10.84
C SER D 12 13.50 0.87 11.09
N LEU D 13 13.50 -0.05 10.11
CA LEU D 13 12.72 -1.27 10.20
C LEU D 13 13.59 -2.44 9.76
N SER D 14 13.35 -3.59 10.39
CA SER D 14 14.02 -4.81 9.98
C SER D 14 13.41 -5.30 8.68
N PRO D 15 14.16 -6.11 7.92
CA PRO D 15 13.57 -6.68 6.69
C PRO D 15 12.31 -7.50 7.02
N GLY D 16 11.32 -7.41 6.13
CA GLY D 16 10.09 -8.15 6.30
C GLY D 16 9.08 -7.53 7.26
N GLU D 17 9.47 -6.53 8.03
CA GLU D 17 8.52 -5.76 8.83
C GLU D 17 7.65 -4.89 7.92
N ARG D 18 6.57 -4.36 8.48
CA ARG D 18 5.66 -3.50 7.73
C ARG D 18 6.02 -2.02 7.89
N ALA D 19 6.23 -1.33 6.77
CA ALA D 19 6.42 0.10 6.79
C ALA D 19 5.09 0.80 6.51
N THR D 20 4.83 1.90 7.22
CA THR D 20 3.67 2.75 6.94
C THR D 20 4.10 4.21 7.10
N LEU D 21 3.98 5.00 6.02
CA LEU D 21 4.52 6.36 5.94
C LEU D 21 3.38 7.34 5.76
N SER D 22 3.51 8.54 6.35
CA SER D 22 2.43 9.52 6.34
C SER D 22 2.80 10.75 5.53
N CYS D 23 1.77 11.39 4.99
CA CYS D 23 1.87 12.63 4.24
C CYS D 23 0.69 13.48 4.67
N ARG D 24 0.92 14.75 4.96
CA ARG D 24 -0.09 15.64 5.49
C ARG D 24 -0.05 16.93 4.70
N ALA D 25 -1.09 17.19 3.92
CA ALA D 25 -1.17 18.40 3.12
C ALA D 25 -1.65 19.57 3.99
N SER D 26 -1.14 20.76 3.68
CA SER D 26 -1.54 21.95 4.44
C SER D 26 -2.96 22.41 4.12
N GLN D 27 -3.53 22.00 2.98
CA GLN D 27 -4.94 22.16 2.64
C GLN D 27 -5.40 20.89 1.95
N SER D 28 -6.69 20.76 1.72
CA SER D 28 -7.18 19.55 1.07
C SER D 28 -6.80 19.58 -0.40
N VAL D 29 -6.63 18.37 -0.95
CA VAL D 29 -5.83 18.11 -2.13
C VAL D 29 -6.62 17.03 -2.86
N SER D 30 -7.72 16.63 -2.22
CA SER D 30 -8.63 15.57 -2.70
C SER D 30 -7.80 14.29 -2.84
N SER D 31 -7.82 13.62 -3.98
CA SER D 31 -6.98 12.44 -4.18
C SER D 31 -5.90 12.66 -5.23
N TYR D 32 -5.47 13.91 -5.43
CA TYR D 32 -4.44 14.20 -6.43
C TYR D 32 -3.06 14.14 -5.77
N LEU D 33 -2.65 12.90 -5.49
CA LEU D 33 -1.47 12.63 -4.68
C LEU D 33 -0.80 11.37 -5.18
N ALA D 34 0.53 11.42 -5.33
CA ALA D 34 1.30 10.26 -5.75
C ALA D 34 2.48 10.02 -4.83
N TRP D 35 2.92 8.76 -4.80
CA TRP D 35 4.07 8.33 -4.03
C TRP D 35 5.18 7.92 -4.99
N TYR D 36 6.39 8.40 -4.74
CA TYR D 36 7.59 8.04 -5.48
C TYR D 36 8.58 7.31 -4.58
N GLN D 37 9.29 6.34 -5.15
CA GLN D 37 10.44 5.72 -4.50
C GLN D 37 11.71 6.26 -5.16
N GLN D 38 12.70 6.67 -4.37
CA GLN D 38 13.97 7.12 -4.94
C GLN D 38 15.15 6.41 -4.29
N LYS D 39 16.01 5.79 -5.14
CA LYS D 39 17.22 5.09 -4.72
C LYS D 39 18.44 5.98 -4.91
N PRO D 40 19.50 5.79 -4.13
CA PRO D 40 20.65 6.70 -4.19
C PRO D 40 21.26 6.74 -5.59
N GLY D 41 21.51 7.96 -6.09
CA GLY D 41 22.05 8.12 -7.41
C GLY D 41 21.12 7.79 -8.56
N GLN D 42 19.81 7.78 -8.32
CA GLN D 42 18.82 7.45 -9.34
C GLN D 42 17.71 8.50 -9.32
N ALA D 43 16.87 8.45 -10.32
CA ALA D 43 15.70 9.32 -10.29
C ALA D 43 14.57 8.66 -9.53
N PRO D 44 13.57 9.44 -9.10
CA PRO D 44 12.41 8.84 -8.45
C PRO D 44 11.60 7.97 -9.40
N ARG D 45 10.85 7.06 -8.82
CA ARG D 45 10.14 6.02 -9.54
C ARG D 45 8.69 6.06 -9.08
N LEU D 46 7.77 6.18 -10.02
CA LEU D 46 6.37 6.31 -9.64
C LEU D 46 5.86 4.98 -9.11
N LEU D 47 5.22 5.04 -7.94
CA LEU D 47 4.70 3.89 -7.23
C LEU D 47 3.18 3.88 -7.16
N ILE D 48 2.58 4.98 -6.75
CA ILE D 48 1.15 5.09 -6.50
C ILE D 48 0.70 6.45 -7.00
N TYR D 49 -0.43 6.48 -7.74
CA TYR D 49 -1.05 7.72 -8.20
C TYR D 49 -2.53 7.72 -7.82
N ASP D 50 -3.12 8.92 -7.87
CA ASP D 50 -4.53 9.13 -7.50
C ASP D 50 -4.80 8.62 -6.08
N ALA D 51 -3.81 8.82 -5.20
CA ALA D 51 -3.76 8.37 -3.81
C ALA D 51 -3.66 6.86 -3.62
N SER D 52 -4.38 6.06 -4.42
CA SER D 52 -4.47 4.63 -4.13
C SER D 52 -4.24 3.72 -5.32
N ASN D 53 -4.15 4.24 -6.53
CA ASN D 53 -4.00 3.39 -7.70
C ASN D 53 -2.52 3.03 -7.87
N ARG D 54 -2.24 1.73 -7.87
CA ARG D 54 -0.87 1.30 -8.09
C ARG D 54 -0.47 1.55 -9.53
N ALA D 55 0.73 2.08 -9.73
CA ALA D 55 1.23 2.26 -11.08
C ALA D 55 1.49 0.90 -11.72
N THR D 56 1.83 0.93 -13.01
CA THR D 56 2.04 -0.32 -13.74
C THR D 56 3.42 -0.90 -13.46
N GLY D 57 3.46 -2.17 -13.08
CA GLY D 57 4.71 -2.85 -12.77
C GLY D 57 5.10 -2.85 -11.32
N ILE D 58 4.32 -2.23 -10.44
CA ILE D 58 4.68 -2.07 -9.04
C ILE D 58 4.14 -3.27 -8.26
N PRO D 59 4.97 -3.94 -7.46
CA PRO D 59 4.50 -5.10 -6.68
C PRO D 59 3.31 -4.75 -5.79
N ALA D 60 2.58 -5.78 -5.38
CA ALA D 60 1.39 -5.55 -4.57
C ALA D 60 1.68 -5.17 -3.13
N ARG D 61 2.95 -5.22 -2.67
CA ARG D 61 3.24 -4.77 -1.32
C ARG D 61 2.86 -3.31 -1.14
N PHE D 62 2.97 -2.51 -2.19
CA PHE D 62 2.76 -1.08 -2.07
C PHE D 62 1.28 -0.76 -2.20
N SER D 63 0.79 0.10 -1.32
CA SER D 63 -0.65 0.34 -1.28
C SER D 63 -0.87 1.70 -0.65
N GLY D 64 -1.45 2.61 -1.41
CA GLY D 64 -1.76 3.92 -0.90
C GLY D 64 -3.13 3.96 -0.30
N SER D 65 -3.36 4.99 0.52
CA SER D 65 -4.66 5.16 1.16
C SER D 65 -4.79 6.61 1.60
N GLY D 66 -6.03 6.98 1.92
CA GLY D 66 -6.32 8.32 2.38
C GLY D 66 -6.76 9.25 1.26
N SER D 67 -7.37 10.36 1.66
CA SER D 67 -7.88 11.37 0.75
C SER D 67 -8.08 12.64 1.56
N GLY D 68 -7.96 13.79 0.89
CA GLY D 68 -8.15 15.04 1.58
C GLY D 68 -6.85 15.68 2.01
N THR D 69 -6.52 15.58 3.31
CA THR D 69 -5.25 16.11 3.78
C THR D 69 -4.30 15.07 4.37
N ASP D 70 -4.74 13.84 4.61
CA ASP D 70 -3.91 12.84 5.28
C ASP D 70 -3.89 11.56 4.47
N PHE D 71 -2.69 11.18 3.99
CA PHE D 71 -2.43 10.03 3.13
C PHE D 71 -1.40 9.11 3.75
N THR D 72 -1.44 7.82 3.41
CA THR D 72 -0.45 6.87 3.94
C THR D 72 -0.07 5.84 2.90
N LEU D 73 1.24 5.71 2.66
CA LEU D 73 1.83 4.64 1.88
C LEU D 73 2.16 3.46 2.79
N THR D 74 1.68 2.28 2.45
CA THR D 74 1.95 1.06 3.22
C THR D 74 2.79 0.11 2.38
N ILE D 75 3.96 -0.26 2.90
CA ILE D 75 4.75 -1.36 2.35
C ILE D 75 4.43 -2.61 3.16
N SER D 76 3.72 -3.54 2.52
CA SER D 76 3.15 -4.71 3.20
C SER D 76 4.19 -5.38 4.11
N SER D 77 5.29 -5.82 3.51
CA SER D 77 6.38 -6.44 4.23
C SER D 77 7.64 -6.13 3.43
N LEU D 78 8.62 -5.48 4.08
CA LEU D 78 9.76 -4.90 3.37
C LEU D 78 10.69 -5.94 2.77
N GLU D 79 11.23 -5.64 1.60
CA GLU D 79 12.20 -6.44 0.88
C GLU D 79 13.49 -5.63 0.73
N PRO D 80 14.64 -6.30 0.57
CA PRO D 80 15.91 -5.56 0.51
C PRO D 80 15.93 -4.34 -0.42
N GLU D 81 15.36 -4.46 -1.62
CA GLU D 81 15.36 -3.32 -2.53
C GLU D 81 14.41 -2.21 -2.10
N ASP D 82 13.62 -2.43 -1.06
CA ASP D 82 12.62 -1.45 -0.64
C ASP D 82 13.19 -0.38 0.28
N PHE D 83 14.43 -0.50 0.70
CA PHE D 83 15.05 0.47 1.60
C PHE D 83 15.58 1.61 0.74
N ALA D 84 14.87 2.73 0.78
CA ALA D 84 15.15 3.89 -0.04
C ALA D 84 14.39 5.04 0.60
N VAL D 85 14.40 6.18 -0.03
CA VAL D 85 13.61 7.28 0.50
C VAL D 85 12.37 7.44 -0.37
N TYR D 86 11.24 7.75 0.27
CA TYR D 86 9.94 7.79 -0.38
C TYR D 86 9.39 9.21 -0.34
N TYR D 87 8.89 9.69 -1.49
CA TYR D 87 8.35 11.03 -1.58
C TYR D 87 6.86 11.00 -1.93
N CYS D 88 6.07 11.87 -1.31
CA CYS D 88 4.73 12.12 -1.83
C CYS D 88 4.74 13.43 -2.63
N GLN D 89 3.78 13.55 -3.54
CA GLN D 89 3.65 14.67 -4.47
C GLN D 89 2.18 14.99 -4.72
N GLN D 90 1.86 16.27 -4.77
CA GLN D 90 0.50 16.78 -4.92
C GLN D 90 0.45 17.73 -6.12
N ARG D 91 -0.70 17.77 -6.80
CA ARG D 91 -1.02 18.81 -7.77
C ARG D 91 -2.42 19.33 -7.52
N SER D 92 -2.59 20.62 -7.76
CA SER D 92 -3.87 21.28 -7.51
C SER D 92 -4.03 22.36 -8.57
N ASN D 93 -5.27 22.52 -9.06
CA ASN D 93 -5.52 23.65 -9.96
C ASN D 93 -6.07 24.87 -9.23
N TRP D 94 -6.74 24.68 -8.09
CA TRP D 94 -7.27 25.79 -7.30
C TRP D 94 -6.90 25.65 -5.83
N PRO D 95 -5.92 26.42 -5.34
CA PRO D 95 -5.13 27.30 -6.22
C PRO D 95 -4.04 26.48 -6.89
N PRO D 96 -3.53 26.95 -8.04
CA PRO D 96 -2.59 26.12 -8.82
C PRO D 96 -1.26 25.97 -8.09
N ALA D 97 -0.93 24.73 -7.76
CA ALA D 97 0.30 24.41 -7.04
C ALA D 97 0.72 22.99 -7.36
N LEU D 98 2.03 22.73 -7.24
CA LEU D 98 2.57 21.40 -7.45
C LEU D 98 3.85 21.30 -6.62
N THR D 99 3.82 20.51 -5.54
CA THR D 99 4.93 20.43 -4.59
C THR D 99 5.15 18.99 -4.12
N PHE D 100 6.39 18.73 -3.67
CA PHE D 100 6.81 17.44 -3.13
C PHE D 100 6.97 17.49 -1.61
N GLY D 101 6.87 16.33 -0.99
CA GLY D 101 7.14 16.22 0.43
C GLY D 101 8.64 16.18 0.74
N GLY D 102 8.95 16.23 2.03
CA GLY D 102 10.36 16.28 2.40
C GLY D 102 11.12 14.97 2.22
N GLY D 103 10.42 13.87 2.03
CA GLY D 103 11.00 12.55 1.95
C GLY D 103 10.95 11.83 3.29
N THR D 104 10.82 10.51 3.22
CA THR D 104 10.94 9.64 4.39
C THR D 104 11.94 8.56 4.05
N LYS D 105 13.05 8.50 4.79
CA LYS D 105 14.07 7.48 4.56
C LYS D 105 13.72 6.21 5.32
N VAL D 106 13.69 5.07 4.62
CA VAL D 106 13.44 3.77 5.22
C VAL D 106 14.79 3.05 5.30
N GLU D 107 15.29 2.90 6.52
CA GLU D 107 16.64 2.48 6.85
C GLU D 107 16.62 1.06 7.41
N ILE D 108 17.67 0.27 7.08
CA ILE D 108 17.81 -1.07 7.64
C ILE D 108 18.07 -0.97 9.14
N LYS D 109 17.31 -1.70 9.93
CA LYS D 109 17.53 -1.71 11.38
C LYS D 109 18.37 -2.93 11.75
N ARG D 110 19.42 -2.70 12.52
CA ARG D 110 20.27 -3.76 13.04
C ARG D 110 20.45 -3.58 14.55
N THR D 111 21.18 -4.52 15.12
CA THR D 111 21.55 -4.44 16.52
C THR D 111 22.55 -3.30 16.72
N VAL D 112 22.48 -2.67 17.90
CA VAL D 112 23.44 -1.63 18.26
C VAL D 112 24.87 -2.11 18.08
N ALA D 113 25.70 -1.25 17.50
CA ALA D 113 27.12 -1.53 17.28
C ALA D 113 27.91 -0.30 17.72
N ALA D 114 28.78 -0.47 18.72
CA ALA D 114 29.54 0.66 19.21
C ALA D 114 30.64 1.05 18.21
N PRO D 115 31.03 2.31 18.17
CA PRO D 115 32.06 2.72 17.21
C PRO D 115 33.47 2.39 17.67
N SER D 116 34.35 2.25 16.69
CA SER D 116 35.78 2.16 16.91
C SER D 116 36.37 3.52 16.59
N VAL D 117 37.07 4.11 17.56
CA VAL D 117 37.50 5.49 17.47
C VAL D 117 38.99 5.55 17.16
N PHE D 118 39.37 6.49 16.30
CA PHE D 118 40.76 6.69 15.92
C PHE D 118 40.97 8.18 15.73
N ILE D 119 42.11 8.70 16.20
CA ILE D 119 42.46 10.11 16.02
C ILE D 119 43.74 10.20 15.19
N PHE D 120 43.82 11.21 14.34
CA PHE D 120 44.94 11.40 13.41
C PHE D 120 45.49 12.81 13.57
N PRO D 121 46.70 12.96 14.06
CA PRO D 121 47.32 14.29 14.14
C PRO D 121 47.62 14.81 12.74
N PRO D 122 47.85 16.11 12.60
CA PRO D 122 48.17 16.65 11.28
C PRO D 122 49.55 16.22 10.82
N SER D 123 49.67 15.97 9.53
CA SER D 123 50.97 15.64 8.96
C SER D 123 51.91 16.85 9.02
N ASP D 124 53.21 16.57 8.99
CA ASP D 124 54.17 17.66 9.01
C ASP D 124 54.09 18.50 7.74
N GLU D 125 53.85 17.84 6.59
CA GLU D 125 53.73 18.55 5.31
C GLU D 125 52.65 19.60 5.36
N GLN D 126 51.54 19.29 6.05
CA GLN D 126 50.43 20.23 6.11
C GLN D 126 50.71 21.37 7.05
N LEU D 127 51.46 21.12 8.12
CA LEU D 127 51.81 22.17 9.06
C LEU D 127 52.67 23.25 8.41
N LYS D 128 53.55 22.86 7.47
CA LYS D 128 54.30 23.85 6.70
C LYS D 128 53.36 24.75 5.88
N SER D 129 52.27 24.18 5.37
CA SER D 129 51.32 25.00 4.61
C SER D 129 50.75 26.14 5.43
N GLY D 130 50.63 25.97 6.74
CA GLY D 130 50.07 26.99 7.62
C GLY D 130 48.77 26.62 8.28
N THR D 131 48.21 25.43 8.02
CA THR D 131 46.97 24.98 8.63
C THR D 131 47.14 23.57 9.18
N ALA D 132 46.43 23.29 10.27
CA ALA D 132 46.44 21.98 10.92
C ALA D 132 45.04 21.38 10.83
N SER D 133 44.97 20.10 10.48
CA SER D 133 43.70 19.39 10.39
C SER D 133 43.81 18.13 11.25
N VAL D 134 43.04 18.08 12.33
CA VAL D 134 42.98 16.92 13.20
C VAL D 134 41.73 16.14 12.82
N VAL D 135 41.85 14.83 12.66
CA VAL D 135 40.75 14.01 12.17
C VAL D 135 40.44 12.92 13.17
N CYS D 136 39.16 12.81 13.52
CA CYS D 136 38.61 11.78 14.38
C CYS D 136 37.77 10.85 13.52
N LEU D 137 38.00 9.54 13.62
CA LEU D 137 37.23 8.58 12.85
C LEU D 137 36.41 7.68 13.76
N LEU D 138 35.10 7.62 13.53
CA LEU D 138 34.22 6.64 14.18
C LEU D 138 33.83 5.58 13.13
N ASN D 139 34.03 4.30 13.46
CA ASN D 139 34.00 3.26 12.44
C ASN D 139 32.98 2.19 12.79
N ASN D 140 32.09 1.91 11.83
CA ASN D 140 31.12 0.80 11.84
C ASN D 140 30.27 0.77 13.12
N PHE D 141 29.42 1.79 13.25
CA PHE D 141 28.50 1.89 14.38
C PHE D 141 27.05 1.95 13.93
N TYR D 142 26.17 1.69 14.88
CA TYR D 142 24.75 1.82 14.67
C TYR D 142 24.09 1.94 16.03
N PRO D 143 23.16 2.89 16.23
CA PRO D 143 22.53 3.74 15.22
C PRO D 143 23.39 4.90 14.75
N ARG D 144 22.87 5.68 13.78
CA ARG D 144 23.62 6.79 13.19
C ARG D 144 23.98 7.88 14.18
N GLU D 145 23.27 7.99 15.29
CA GLU D 145 23.46 9.12 16.17
C GLU D 145 24.67 8.91 17.08
N ALA D 146 25.59 9.87 17.06
CA ALA D 146 26.76 9.86 17.91
C ALA D 146 27.17 11.31 18.18
N LYS D 147 27.55 11.59 19.42
CA LYS D 147 28.07 12.89 19.83
C LYS D 147 29.59 12.83 19.80
N VAL D 148 30.21 13.78 19.12
CA VAL D 148 31.67 13.83 19.00
C VAL D 148 32.12 15.20 19.42
N GLN D 149 32.87 15.28 20.51
CA GLN D 149 33.39 16.55 20.98
C GLN D 149 34.91 16.57 20.92
N TRP D 150 35.45 17.71 20.50
CA TRP D 150 36.88 17.99 20.55
C TRP D 150 37.21 18.78 21.80
N LYS D 151 38.14 18.28 22.59
CA LYS D 151 38.76 19.02 23.68
C LYS D 151 40.23 19.22 23.33
N VAL D 152 40.68 20.47 23.42
CA VAL D 152 42.09 20.83 23.27
C VAL D 152 42.57 21.33 24.63
N ASP D 153 43.47 20.57 25.26
CA ASP D 153 43.95 20.86 26.61
C ASP D 153 42.79 21.05 27.60
N ASN D 154 41.82 20.15 27.51
CA ASN D 154 40.57 20.12 28.28
C ASN D 154 39.59 21.22 27.88
N ALA D 155 39.91 22.03 26.88
CA ALA D 155 39.03 23.11 26.44
C ALA D 155 38.12 22.64 25.31
N LEU D 156 36.81 22.73 25.52
CA LEU D 156 35.87 22.28 24.50
C LEU D 156 35.84 23.27 23.33
N GLN D 157 35.97 22.75 22.10
CA GLN D 157 35.93 23.54 20.89
C GLN D 157 34.50 23.66 20.38
N SER D 158 34.18 24.75 19.68
CA SER D 158 32.80 24.92 19.21
C SER D 158 32.67 25.11 17.72
N GLY D 159 33.36 26.05 17.12
CA GLY D 159 32.95 26.35 15.75
C GLY D 159 33.94 25.98 14.66
N ASN D 160 34.86 25.05 14.93
CA ASN D 160 35.95 24.77 14.00
C ASN D 160 36.03 23.29 13.61
N SER D 161 34.89 22.61 13.53
CA SER D 161 34.85 21.20 13.15
C SER D 161 33.63 20.91 12.31
N GLN D 162 33.81 20.19 11.20
CA GLN D 162 32.70 19.70 10.39
C GLN D 162 32.73 18.18 10.37
N GLU D 163 31.58 17.57 10.02
CA GLU D 163 31.41 16.12 10.03
C GLU D 163 31.03 15.57 8.66
N SER D 164 31.18 14.25 8.51
CA SER D 164 30.80 13.53 7.29
C SER D 164 30.45 12.10 7.65
N VAL D 165 29.39 11.58 7.04
CA VAL D 165 28.88 10.25 7.38
C VAL D 165 28.68 9.43 6.12
N THR D 166 29.07 8.17 6.17
CA THR D 166 28.87 7.31 5.02
C THR D 166 27.41 6.91 4.93
N GLU D 167 26.97 6.59 3.72
CA GLU D 167 25.67 5.93 3.63
C GLU D 167 25.78 4.56 4.30
N GLN D 168 24.62 4.02 4.66
CA GLN D 168 24.61 2.77 5.42
C GLN D 168 25.27 1.64 4.63
N ASP D 169 26.03 0.81 5.33
CA ASP D 169 26.82 -0.22 4.66
C ASP D 169 25.95 -1.30 4.02
N SER D 170 26.37 -1.78 2.85
CA SER D 170 25.65 -2.83 2.14
C SER D 170 25.67 -4.15 2.89
N LYS D 171 26.80 -4.49 3.54
CA LYS D 171 26.93 -5.79 4.18
C LYS D 171 26.35 -5.82 5.60
N ASP D 172 26.87 -4.97 6.51
CA ASP D 172 26.46 -4.99 7.92
C ASP D 172 25.58 -3.82 8.33
N SER D 173 25.16 -2.97 7.38
CA SER D 173 24.26 -1.85 7.66
C SER D 173 24.77 -0.94 8.79
N THR D 174 26.04 -0.55 8.71
CA THR D 174 26.61 0.30 9.75
C THR D 174 27.02 1.62 9.13
N TYR D 175 27.20 2.62 9.98
CA TYR D 175 27.71 3.90 9.53
C TYR D 175 29.14 4.12 10.02
N SER D 176 29.83 5.02 9.32
CA SER D 176 31.12 5.54 9.75
C SER D 176 31.13 7.05 9.56
N LEU D 177 31.87 7.73 10.43
CA LEU D 177 31.80 9.16 10.55
C LEU D 177 33.21 9.71 10.72
N SER D 178 33.50 10.80 10.02
CA SER D 178 34.76 11.50 10.13
C SER D 178 34.46 12.90 10.67
N SER D 179 35.18 13.30 11.71
CA SER D 179 35.07 14.67 12.22
C SER D 179 36.43 15.33 12.08
N THR D 180 36.44 16.53 11.53
CA THR D 180 37.68 17.20 11.17
C THR D 180 37.73 18.55 11.89
N LEU D 181 38.65 18.66 12.85
CA LEU D 181 38.98 19.90 13.52
C LEU D 181 40.03 20.65 12.73
N THR D 182 39.74 21.91 12.39
CA THR D 182 40.65 22.73 11.58
C THR D 182 41.10 23.93 12.38
N LEU D 183 42.42 24.02 12.62
CA LEU D 183 43.06 25.13 13.32
C LEU D 183 44.17 25.72 12.45
N SER D 184 44.60 26.93 12.80
CA SER D 184 45.79 27.52 12.20
C SER D 184 47.04 26.96 12.86
N LYS D 185 48.16 26.91 12.10
CA LYS D 185 49.41 26.35 12.65
C LYS D 185 49.82 27.06 13.93
N ALA D 186 49.53 28.36 14.03
CA ALA D 186 49.84 29.10 15.26
C ALA D 186 49.06 28.53 16.44
N ASP D 187 47.73 28.38 16.28
CA ASP D 187 46.90 27.86 17.36
C ASP D 187 47.22 26.40 17.66
N TYR D 188 47.45 25.60 16.63
CA TYR D 188 47.81 24.20 16.87
C TYR D 188 49.06 24.10 17.74
N GLU D 189 50.08 24.94 17.48
CA GLU D 189 51.36 24.81 18.18
C GLU D 189 51.30 25.34 19.60
N LYS D 190 50.18 25.97 20.01
CA LYS D 190 49.97 26.53 21.35
C LYS D 190 49.52 25.52 22.40
N HIS D 191 49.36 24.23 22.06
CA HIS D 191 48.68 23.29 22.96
C HIS D 191 49.27 21.90 22.84
N LYS D 192 49.15 21.11 23.92
CA LYS D 192 49.80 19.80 23.99
C LYS D 192 48.85 18.66 23.65
N VAL D 193 47.74 18.52 24.39
CA VAL D 193 46.90 17.33 24.31
C VAL D 193 45.66 17.62 23.47
N TYR D 194 45.43 16.78 22.46
CA TYR D 194 44.30 16.88 21.54
C TYR D 194 43.44 15.64 21.70
N ALA D 195 42.20 15.81 22.12
CA ALA D 195 41.35 14.69 22.42
C ALA D 195 40.05 14.79 21.64
N CYS D 196 39.50 13.62 21.36
CA CYS D 196 38.24 13.46 20.66
C CYS D 196 37.40 12.54 21.53
N GLU D 197 36.32 13.08 22.13
CA GLU D 197 35.43 12.30 23.01
C GLU D 197 34.18 11.92 22.24
N VAL D 198 33.78 10.65 22.34
CA VAL D 198 32.68 10.07 21.55
C VAL D 198 31.63 9.48 22.48
N THR D 199 30.42 10.01 22.42
CA THR D 199 29.28 9.42 23.14
C THR D 199 28.40 8.65 22.17
N HIS D 200 28.11 7.39 22.48
CA HIS D 200 27.26 6.56 21.62
C HIS D 200 26.52 5.49 22.42
N GLN D 201 25.27 5.27 22.03
CA GLN D 201 24.40 4.28 22.68
C GLN D 201 25.10 2.95 22.95
N GLY D 202 25.92 2.49 22.03
CA GLY D 202 26.60 1.23 22.22
C GLY D 202 27.76 1.24 23.18
N LEU D 203 28.13 2.40 23.72
CA LEU D 203 29.22 2.54 24.67
C LEU D 203 28.66 2.78 26.06
N SER D 204 29.18 2.04 27.06
CA SER D 204 28.74 2.19 28.45
C SER D 204 29.33 3.43 29.11
N SER D 205 30.41 3.98 28.57
CA SER D 205 30.92 5.28 28.96
C SER D 205 31.52 5.89 27.71
N PRO D 206 31.57 7.21 27.59
CA PRO D 206 32.13 7.79 26.37
C PRO D 206 33.59 7.39 26.21
N VAL D 207 34.04 7.33 24.96
CA VAL D 207 35.36 6.84 24.62
C VAL D 207 36.18 8.04 24.16
N THR D 208 37.38 8.21 24.73
CA THR D 208 38.28 9.30 24.37
C THR D 208 39.53 8.74 23.70
N LYS D 209 39.96 9.37 22.61
CA LYS D 209 41.25 9.12 21.98
C LYS D 209 42.02 10.44 21.95
N SER D 210 43.32 10.38 22.21
CA SER D 210 44.10 11.59 22.34
C SER D 210 45.53 11.35 21.87
N PHE D 211 46.21 12.44 21.56
CA PHE D 211 47.65 12.40 21.29
C PHE D 211 48.28 13.67 21.85
N ASN D 212 49.59 13.59 22.16
CA ASN D 212 50.39 14.75 22.56
C ASN D 212 51.15 15.27 21.35
N ARG D 213 51.13 16.59 21.18
CA ARG D 213 51.69 17.20 19.98
C ARG D 213 53.17 16.89 19.81
N GLY D 214 53.95 17.09 20.88
CA GLY D 214 55.39 16.98 20.77
C GLY D 214 55.99 15.59 20.58
N GLU D 215 55.15 14.59 20.30
CA GLU D 215 55.62 13.19 20.27
C GLU D 215 55.17 12.42 19.03
N GLN E 1 3.03 -33.17 20.17
CA GLN E 1 4.40 -33.09 19.65
C GLN E 1 4.97 -31.66 19.77
N ASP E 2 6.10 -31.41 19.05
CA ASP E 2 6.80 -30.13 19.07
C ASP E 2 7.24 -29.76 17.66
N PRO E 3 6.60 -28.75 17.05
CA PRO E 3 6.78 -28.51 15.62
C PRO E 3 7.98 -27.66 15.24
N CYS E 4 8.85 -27.28 16.18
CA CYS E 4 10.01 -26.46 15.82
C CYS E 4 11.10 -27.32 15.20
N SER E 5 11.08 -28.63 15.48
CA SER E 5 11.84 -29.62 14.73
C SER E 5 11.62 -29.47 13.24
N ASN E 6 10.49 -28.94 12.81
CA ASN E 6 10.20 -28.80 11.40
C ASN E 6 11.03 -27.71 10.72
N CYS E 7 11.53 -26.73 11.50
CA CYS E 7 12.17 -25.53 10.97
C CYS E 7 13.60 -25.87 10.51
N PRO E 8 13.98 -25.66 9.24
CA PRO E 8 15.33 -26.01 8.78
C PRO E 8 16.41 -25.02 9.23
N ALA E 9 17.66 -25.39 8.97
CA ALA E 9 18.76 -24.45 9.13
C ALA E 9 18.58 -23.27 8.17
N GLY E 10 18.82 -22.06 8.66
CA GLY E 10 18.51 -20.84 7.95
C GLY E 10 17.29 -20.14 8.49
N THR E 11 16.54 -20.80 9.36
CA THR E 11 15.36 -20.22 9.98
C THR E 11 15.39 -20.53 11.47
N PHE E 12 14.58 -19.79 12.21
CA PHE E 12 14.34 -20.09 13.61
C PHE E 12 12.86 -20.22 13.85
N CYS E 13 12.52 -20.89 14.95
CA CYS E 13 11.15 -21.08 15.38
C CYS E 13 10.74 -19.92 16.29
N ASP E 14 9.93 -19.03 15.76
CA ASP E 14 9.59 -17.74 16.39
C ASP E 14 8.53 -17.91 17.47
N ASN E 15 8.95 -17.90 18.74
CA ASN E 15 8.00 -18.06 19.83
C ASN E 15 7.05 -16.88 20.00
N ASN E 16 7.29 -15.76 19.32
CA ASN E 16 6.38 -14.63 19.38
C ASN E 16 5.28 -14.72 18.32
N ARG E 17 5.57 -15.42 17.23
CA ARG E 17 4.70 -15.54 16.08
C ARG E 17 4.25 -17.01 15.90
N ASN E 18 4.01 -17.69 17.01
CA ASN E 18 3.30 -18.96 17.01
C ASN E 18 4.05 -20.06 16.25
N GLN E 19 5.34 -20.15 16.50
CA GLN E 19 6.21 -21.22 16.00
C GLN E 19 6.32 -21.24 14.50
N ILE E 20 6.08 -20.14 13.81
CA ILE E 20 6.40 -20.16 12.40
C ILE E 20 7.91 -20.08 12.22
N CYS E 21 8.38 -20.56 11.07
CA CYS E 21 9.80 -20.64 10.77
C CYS E 21 10.16 -19.44 9.90
N SER E 22 10.62 -18.37 10.54
CA SER E 22 11.05 -17.24 9.73
C SER E 22 12.56 -17.29 9.52
N PRO E 23 13.04 -16.76 8.40
CA PRO E 23 14.48 -16.81 8.10
C PRO E 23 15.26 -15.95 9.09
N CYS E 24 16.59 -16.12 9.04
CA CYS E 24 17.45 -15.50 10.03
C CYS E 24 17.71 -14.02 9.68
N PRO E 25 17.61 -13.10 10.64
CA PRO E 25 17.88 -11.66 10.38
C PRO E 25 19.25 -11.43 9.78
N PRO E 26 19.58 -10.17 9.42
CA PRO E 26 20.93 -9.87 8.93
C PRO E 26 22.00 -10.21 9.99
N ASN E 27 23.21 -10.53 9.49
CA ASN E 27 24.38 -10.83 10.32
C ASN E 27 24.07 -11.94 11.31
N SER E 28 23.38 -12.97 10.83
CA SER E 28 22.89 -14.01 11.71
C SER E 28 22.66 -15.28 10.89
N PHE E 29 22.71 -16.43 11.58
CA PHE E 29 22.66 -17.74 10.94
C PHE E 29 22.07 -18.74 11.92
N SER E 30 21.60 -19.87 11.40
CA SER E 30 21.32 -21.04 12.21
C SER E 30 21.88 -22.24 11.48
N SER E 31 22.78 -22.98 12.13
CA SER E 31 23.45 -24.08 11.46
C SER E 31 22.67 -25.39 11.52
N ALA E 32 21.69 -25.49 12.41
CA ALA E 32 20.87 -26.68 12.54
C ALA E 32 19.39 -26.31 12.47
N GLY E 33 18.55 -27.34 12.36
CA GLY E 33 17.13 -27.13 12.49
C GLY E 33 16.68 -27.11 13.93
N GLY E 34 15.51 -26.51 14.17
CA GLY E 34 14.91 -26.53 15.48
C GLY E 34 15.24 -25.36 16.38
N GLN E 35 16.16 -24.48 15.98
CA GLN E 35 16.62 -23.45 16.89
C GLN E 35 15.56 -22.39 17.11
N ARG E 36 15.44 -21.91 18.35
CA ARG E 36 14.45 -20.88 18.68
C ARG E 36 14.98 -19.47 18.47
N THR E 37 16.30 -19.28 18.37
CA THR E 37 16.86 -17.99 18.03
C THR E 37 18.06 -18.23 17.14
N CYS E 38 18.25 -17.32 16.20
CA CYS E 38 19.42 -17.43 15.37
C CYS E 38 20.65 -16.93 16.12
N ASP E 39 21.83 -17.38 15.67
CA ASP E 39 23.10 -17.02 16.27
C ASP E 39 23.76 -15.91 15.45
N ILE E 40 24.53 -15.07 16.14
CA ILE E 40 25.19 -13.93 15.54
C ILE E 40 26.42 -14.37 14.77
N CYS E 41 26.55 -13.89 13.53
CA CYS E 41 27.72 -14.23 12.72
C CYS E 41 28.97 -13.70 13.40
N ARG E 42 29.98 -14.57 13.55
CA ARG E 42 31.31 -14.10 13.93
C ARG E 42 31.82 -13.12 12.88
N GLN E 43 32.41 -12.02 13.34
CA GLN E 43 33.00 -11.03 12.44
C GLN E 43 34.51 -11.12 12.55
N CYS E 44 35.16 -11.17 11.39
CA CYS E 44 36.62 -11.31 11.31
C CYS E 44 37.22 -9.94 11.04
N LYS E 45 37.80 -9.35 12.07
CA LYS E 45 38.40 -8.04 11.93
C LYS E 45 39.75 -8.03 12.62
N GLY E 46 40.67 -7.22 12.10
CA GLY E 46 41.95 -6.97 12.72
C GLY E 46 43.00 -8.03 12.52
N VAL E 47 43.27 -8.80 13.58
CA VAL E 47 44.20 -9.93 13.47
C VAL E 47 43.67 -11.00 12.51
N PHE E 48 42.35 -11.12 12.36
CA PHE E 48 41.70 -12.11 11.51
C PHE E 48 41.17 -11.49 10.21
N ARG E 49 40.78 -12.39 9.30
CA ARG E 49 40.31 -12.02 7.96
C ARG E 49 39.23 -13.03 7.57
N THR E 50 38.17 -12.55 6.88
CA THR E 50 37.04 -13.40 6.49
C THR E 50 37.44 -14.32 5.33
N ARG E 51 37.45 -15.64 5.57
CA ARG E 51 37.75 -16.64 4.53
C ARG E 51 36.48 -17.08 3.80
N LYS E 52 35.55 -17.71 4.52
CA LYS E 52 34.22 -18.06 4.04
C LYS E 52 33.25 -17.08 4.67
N GLU E 53 32.55 -16.29 3.84
CA GLU E 53 31.60 -15.34 4.39
C GLU E 53 30.40 -16.10 4.95
N CYS E 54 29.72 -15.49 5.93
CA CYS E 54 28.65 -16.17 6.64
C CYS E 54 27.35 -16.06 5.86
N SER E 55 26.59 -17.15 5.88
CA SER E 55 25.33 -17.29 5.17
C SER E 55 24.18 -17.21 6.17
N SER E 56 23.01 -17.70 5.75
CA SER E 56 21.96 -17.97 6.72
C SER E 56 22.09 -19.34 7.36
N THR E 57 22.77 -20.26 6.67
CA THR E 57 22.93 -21.63 7.15
C THR E 57 24.23 -21.85 7.92
N SER E 58 25.25 -21.02 7.65
CA SER E 58 26.62 -21.30 8.08
C SER E 58 27.28 -20.06 8.66
N ASN E 59 28.10 -20.27 9.70
CA ASN E 59 28.85 -19.17 10.29
C ASN E 59 29.91 -18.65 9.30
N ALA E 60 30.56 -17.56 9.69
CA ALA E 60 31.72 -17.10 8.95
C ALA E 60 32.98 -17.86 9.40
N GLU E 61 33.92 -18.00 8.47
CA GLU E 61 35.18 -18.68 8.70
C GLU E 61 36.30 -17.67 8.51
N CYS E 62 37.12 -17.49 9.55
CA CYS E 62 38.17 -16.48 9.60
C CYS E 62 39.53 -17.12 9.35
N ASP E 63 40.29 -16.58 8.40
CA ASP E 63 41.74 -16.79 8.29
C ASP E 63 42.49 -15.83 9.20
N CYS E 64 43.81 -16.00 9.25
CA CYS E 64 44.68 -15.05 9.91
C CYS E 64 45.42 -14.24 8.89
N THR E 65 45.64 -12.96 9.22
CA THR E 65 46.27 -12.06 8.29
C THR E 65 47.63 -12.63 7.84
N PRO E 66 48.06 -12.32 6.60
CA PRO E 66 49.42 -12.69 6.15
C PRO E 66 50.52 -12.54 7.20
N GLY E 67 51.40 -13.54 7.26
CA GLY E 67 52.43 -13.59 8.28
C GLY E 67 51.98 -14.21 9.57
N PHE E 68 50.75 -14.70 9.62
CA PHE E 68 50.21 -15.31 10.82
C PHE E 68 49.45 -16.56 10.40
N HIS E 69 49.32 -17.48 11.34
CA HIS E 69 48.70 -18.76 11.09
C HIS E 69 47.71 -19.02 12.21
N CYS E 70 46.57 -19.62 11.86
CA CYS E 70 45.55 -19.95 12.84
C CYS E 70 46.08 -20.94 13.85
N LEU E 71 45.93 -20.62 15.14
CA LEU E 71 46.50 -21.45 16.19
C LEU E 71 45.53 -22.54 16.65
N GLY E 72 44.38 -22.14 17.19
CA GLY E 72 43.48 -23.07 17.83
C GLY E 72 42.47 -23.70 16.89
N ALA E 73 41.52 -24.41 17.49
CA ALA E 73 40.42 -25.03 16.75
C ALA E 73 39.43 -23.97 16.29
N GLY E 74 39.16 -23.92 14.99
CA GLY E 74 38.30 -22.90 14.44
C GLY E 74 38.95 -21.55 14.23
N CYS E 75 40.29 -21.49 14.27
CA CYS E 75 41.06 -20.25 14.14
C CYS E 75 40.66 -19.23 15.22
N SER E 76 40.82 -19.63 16.49
CA SER E 76 40.39 -18.79 17.59
C SER E 76 41.51 -17.83 18.06
N MET E 77 42.64 -18.34 18.52
CA MET E 77 43.83 -17.52 18.70
C MET E 77 44.62 -17.44 17.40
N CYS E 78 45.62 -16.58 17.39
CA CYS E 78 46.36 -16.35 16.16
C CYS E 78 47.84 -16.07 16.38
N GLU E 79 48.70 -17.01 15.93
CA GLU E 79 50.16 -17.03 16.10
C GLU E 79 50.91 -16.57 14.85
N GLN E 80 52.19 -16.21 15.04
CA GLN E 80 52.98 -15.65 13.94
C GLN E 80 53.77 -16.72 13.19
N ASP E 81 54.18 -16.36 11.99
CA ASP E 81 54.77 -17.29 11.04
C ASP E 81 56.28 -17.11 11.03
N CYS E 82 57.01 -18.14 11.42
CA CYS E 82 58.42 -18.12 11.07
C CYS E 82 58.57 -18.65 9.67
N LYS E 83 59.78 -18.61 9.15
CA LYS E 83 59.96 -19.10 7.80
C LYS E 83 60.26 -20.58 7.85
N GLN E 84 60.36 -21.19 6.68
CA GLN E 84 60.78 -22.58 6.62
C GLN E 84 62.22 -22.72 7.09
N GLY E 85 62.45 -23.66 7.98
CA GLY E 85 63.76 -23.85 8.56
C GLY E 85 63.95 -23.18 9.89
N GLN E 86 62.93 -22.53 10.42
CA GLN E 86 63.01 -21.86 11.70
C GLN E 86 62.03 -22.48 12.69
N GLU E 87 62.16 -22.08 13.95
CA GLU E 87 61.20 -22.43 14.98
C GLU E 87 61.01 -21.22 15.87
N LEU E 88 59.78 -20.71 15.94
CA LEU E 88 59.45 -19.74 16.97
C LEU E 88 59.35 -20.45 18.31
N THR E 89 60.07 -19.94 19.29
CA THR E 89 60.01 -20.49 20.64
C THR E 89 59.90 -19.31 21.59
N LYS E 90 60.30 -19.54 22.84
CA LYS E 90 60.46 -18.43 23.79
C LYS E 90 61.46 -17.42 23.22
N LYS E 91 61.08 -16.14 23.28
CA LYS E 91 61.89 -14.97 22.93
C LYS E 91 62.01 -14.70 21.43
N GLY E 92 61.18 -15.31 20.58
CA GLY E 92 61.17 -14.92 19.19
C GLY E 92 61.46 -16.11 18.30
N CYS E 93 61.83 -15.88 17.06
CA CYS E 93 62.05 -17.07 16.26
C CYS E 93 63.44 -17.09 15.66
N LYS E 94 64.01 -18.30 15.73
CA LYS E 94 65.40 -18.68 15.57
C LYS E 94 65.45 -19.79 14.53
N ASP E 95 66.56 -19.87 13.81
CA ASP E 95 66.75 -20.97 12.88
C ASP E 95 66.98 -22.27 13.66
N CYS E 96 66.69 -23.39 12.98
CA CYS E 96 66.82 -24.72 13.56
C CYS E 96 68.30 -25.12 13.60
N CYS E 97 68.77 -25.65 14.73
CA CYS E 97 70.16 -26.07 14.86
C CYS E 97 70.46 -27.21 13.89
N PHE E 98 71.75 -27.35 13.56
CA PHE E 98 72.16 -28.38 12.62
C PHE E 98 71.66 -29.76 13.05
N GLY E 99 71.11 -30.51 12.08
CA GLY E 99 70.53 -31.82 12.33
C GLY E 99 69.04 -31.80 12.63
N THR E 100 68.44 -30.61 12.70
CA THR E 100 67.02 -30.42 12.94
C THR E 100 66.41 -29.79 11.69
N PHE E 101 65.09 -29.85 11.58
CA PHE E 101 64.44 -29.18 10.47
C PHE E 101 62.99 -28.79 10.81
N ASN E 102 62.44 -27.91 9.96
CA ASN E 102 61.01 -27.58 9.96
C ASN E 102 60.57 -27.23 8.55
N ASP E 103 59.64 -28.02 8.00
CA ASP E 103 59.18 -27.85 6.63
C ASP E 103 58.06 -26.81 6.48
N GLN E 104 57.47 -26.36 7.59
CA GLN E 104 56.34 -25.43 7.60
C GLN E 104 56.73 -24.09 8.24
N LYS E 105 55.85 -23.09 8.04
CA LYS E 105 55.99 -21.81 8.72
C LYS E 105 55.46 -21.84 10.13
N ARG E 106 55.13 -23.02 10.62
CA ARG E 106 54.50 -23.25 11.89
C ARG E 106 55.34 -24.28 12.65
N GLY E 107 55.19 -24.32 13.97
CA GLY E 107 55.62 -25.49 14.74
C GLY E 107 57.09 -25.49 15.15
N ILE E 108 57.46 -26.61 15.75
CA ILE E 108 58.82 -26.84 16.27
C ILE E 108 59.71 -27.51 15.23
N CYS E 109 61.00 -27.57 15.53
CA CYS E 109 61.94 -28.31 14.71
C CYS E 109 62.05 -29.75 15.20
N ARG E 110 61.99 -30.68 14.27
CA ARG E 110 62.22 -32.06 14.62
C ARG E 110 63.60 -32.50 14.15
N PRO E 111 64.20 -33.48 14.83
CA PRO E 111 65.51 -33.97 14.39
C PRO E 111 65.34 -34.80 13.13
N TRP E 112 66.41 -34.83 12.32
CA TRP E 112 66.44 -35.62 11.10
C TRP E 112 66.18 -37.09 11.40
N THR E 113 65.61 -37.79 10.42
CA THR E 113 65.52 -39.25 10.53
C THR E 113 66.91 -39.85 10.43
N ASN E 114 67.18 -40.86 11.23
CA ASN E 114 68.46 -41.52 11.19
C ASN E 114 68.31 -42.78 10.35
N CYS E 115 68.88 -42.75 9.13
CA CYS E 115 68.67 -43.84 8.19
C CYS E 115 69.42 -45.09 8.61
N SER E 116 70.67 -44.90 9.08
CA SER E 116 71.51 -45.98 9.57
C SER E 116 70.78 -46.98 10.49
N LEU E 117 69.69 -46.59 11.17
CA LEU E 117 69.10 -47.49 12.16
C LEU E 117 68.26 -48.57 11.54
N ASP E 118 67.76 -48.34 10.32
CA ASP E 118 67.06 -49.36 9.56
C ASP E 118 67.96 -49.95 8.47
N GLY E 119 69.27 -49.74 8.57
CA GLY E 119 70.20 -50.26 7.60
C GLY E 119 70.16 -49.53 6.28
N LYS E 120 69.67 -48.30 6.28
CA LYS E 120 69.36 -47.59 5.06
C LYS E 120 70.40 -46.52 4.78
N SER E 121 70.61 -46.24 3.50
CA SER E 121 71.49 -45.15 3.13
C SER E 121 70.76 -43.80 3.25
N VAL E 122 71.44 -42.75 2.85
CA VAL E 122 70.89 -41.42 2.83
C VAL E 122 70.89 -40.99 1.37
N LEU E 123 69.69 -40.97 0.77
CA LEU E 123 69.60 -40.66 -0.66
C LEU E 123 69.84 -39.18 -0.93
N VAL E 124 69.29 -38.32 -0.08
CA VAL E 124 69.46 -36.87 -0.13
C VAL E 124 69.64 -36.42 1.31
N ASN E 125 70.76 -35.76 1.61
CA ASN E 125 70.89 -35.34 3.00
C ASN E 125 69.96 -34.20 3.30
N GLY E 126 69.51 -34.17 4.54
CA GLY E 126 68.55 -33.19 4.97
C GLY E 126 69.16 -31.81 5.07
N THR E 127 68.28 -30.83 5.05
CA THR E 127 68.61 -29.45 5.31
C THR E 127 67.92 -29.05 6.60
N LYS E 128 67.81 -27.75 6.83
CA LYS E 128 66.93 -27.23 7.87
C LYS E 128 65.48 -27.15 7.41
N GLU E 129 65.24 -27.20 6.11
CA GLU E 129 63.91 -27.05 5.54
C GLU E 129 63.29 -28.37 5.06
N ARG E 130 64.03 -29.47 5.06
CA ARG E 130 63.54 -30.77 4.62
C ARG E 130 64.27 -31.88 5.36
N ASP E 131 63.61 -33.02 5.51
CA ASP E 131 64.18 -34.16 6.19
C ASP E 131 65.09 -34.94 5.24
N VAL E 132 65.91 -35.82 5.83
CA VAL E 132 66.67 -36.78 5.03
C VAL E 132 65.69 -37.76 4.40
N VAL E 133 65.86 -38.03 3.12
CA VAL E 133 65.14 -39.13 2.52
C VAL E 133 66.06 -40.36 2.48
N CYS E 134 65.57 -41.45 3.06
CA CYS E 134 66.33 -42.68 3.24
C CYS E 134 66.25 -43.57 1.99
N GLY E 135 67.29 -44.38 1.78
CA GLY E 135 67.34 -45.27 0.65
C GLY E 135 66.65 -46.60 0.90
N PRO E 136 66.87 -47.56 0.00
CA PRO E 136 66.15 -48.84 0.08
C PRO E 136 66.64 -49.65 1.26
N SER E 137 65.70 -50.36 1.89
CA SER E 137 66.05 -51.22 3.01
C SER E 137 66.95 -52.34 2.51
N PRO E 138 67.84 -52.86 3.38
CA PRO E 138 68.72 -53.97 2.94
C PRO E 138 67.99 -55.31 2.97
N GLU E 139 66.65 -55.30 3.01
CA GLU E 139 65.84 -56.50 2.84
C GLU E 139 65.16 -56.47 1.47
N ASN E 140 65.96 -56.47 0.41
CA ASN E 140 65.48 -56.47 -0.98
C ASN E 140 66.65 -56.77 -1.92
N GLN F 1 -11.88 12.47 -10.62
CA GLN F 1 -11.01 12.39 -11.80
C GLN F 1 -11.46 13.31 -12.97
N ASP F 2 -12.26 14.33 -12.66
CA ASP F 2 -12.59 15.41 -13.60
C ASP F 2 -12.25 16.73 -12.90
N PRO F 3 -10.99 17.18 -13.00
CA PRO F 3 -10.53 18.28 -12.14
C PRO F 3 -10.97 19.66 -12.57
N CYS F 4 -11.61 19.80 -13.73
CA CYS F 4 -12.00 21.12 -14.22
C CYS F 4 -13.18 21.66 -13.44
N SER F 5 -14.00 20.76 -12.86
CA SER F 5 -15.09 21.15 -11.98
C SER F 5 -14.60 21.93 -10.77
N ASN F 6 -13.28 21.94 -10.52
CA ASN F 6 -12.73 22.62 -9.37
C ASN F 6 -12.61 24.14 -9.57
N CYS F 7 -12.52 24.60 -10.82
CA CYS F 7 -12.30 26.01 -11.13
C CYS F 7 -13.57 26.85 -10.85
N PRO F 8 -13.50 27.90 -10.04
CA PRO F 8 -14.70 28.68 -9.72
C PRO F 8 -15.07 29.65 -10.85
N ALA F 9 -16.14 30.42 -10.63
CA ALA F 9 -16.42 31.56 -11.48
C ALA F 9 -15.29 32.57 -11.37
N GLY F 10 -15.10 33.35 -12.42
CA GLY F 10 -13.92 34.19 -12.50
C GLY F 10 -12.71 33.48 -13.05
N THR F 11 -12.83 32.18 -13.35
CA THR F 11 -11.73 31.37 -13.84
C THR F 11 -12.19 30.49 -14.98
N PHE F 12 -11.24 29.99 -15.75
CA PHE F 12 -11.53 28.94 -16.71
C PHE F 12 -10.54 27.81 -16.56
N CYS F 13 -10.92 26.64 -17.07
CA CYS F 13 -10.03 25.49 -17.03
C CYS F 13 -9.24 25.42 -18.32
N ASP F 14 -8.02 25.94 -18.26
CA ASP F 14 -7.14 26.04 -19.42
C ASP F 14 -6.69 24.67 -19.90
N ASN F 15 -7.39 24.13 -20.90
CA ASN F 15 -7.04 22.83 -21.46
C ASN F 15 -5.68 22.82 -22.17
N ASN F 16 -5.16 23.99 -22.57
CA ASN F 16 -3.82 24.01 -23.14
C ASN F 16 -2.74 23.84 -22.08
N ARG F 17 -2.99 24.29 -20.86
CA ARG F 17 -1.99 24.26 -19.80
C ARG F 17 -2.37 23.30 -18.65
N ASN F 18 -2.85 22.10 -19.02
CA ASN F 18 -2.99 20.96 -18.10
C ASN F 18 -4.00 21.21 -16.99
N GLN F 19 -5.15 21.76 -17.36
CA GLN F 19 -6.29 21.88 -16.44
C GLN F 19 -6.02 22.87 -15.30
N ILE F 20 -5.10 23.81 -15.49
CA ILE F 20 -4.90 24.87 -14.51
C ILE F 20 -6.06 25.84 -14.59
N CYS F 21 -6.51 26.34 -13.44
CA CYS F 21 -7.58 27.33 -13.41
C CYS F 21 -6.90 28.70 -13.45
N SER F 22 -6.81 29.26 -14.67
CA SER F 22 -6.34 30.64 -14.72
C SER F 22 -7.52 31.59 -14.60
N PRO F 23 -7.31 32.81 -14.08
CA PRO F 23 -8.42 33.78 -14.05
C PRO F 23 -8.79 34.25 -15.45
N CYS F 24 -10.08 34.56 -15.61
CA CYS F 24 -10.59 35.11 -16.86
C CYS F 24 -9.81 36.37 -17.23
N PRO F 25 -9.22 36.42 -18.42
CA PRO F 25 -8.46 37.62 -18.84
C PRO F 25 -9.36 38.85 -18.89
N PRO F 26 -8.80 40.05 -19.07
CA PRO F 26 -9.66 41.24 -19.15
C PRO F 26 -10.62 41.15 -20.33
N ASN F 27 -11.72 41.91 -20.21
CA ASN F 27 -12.81 41.89 -21.19
C ASN F 27 -13.40 40.50 -21.38
N SER F 28 -13.43 39.70 -20.31
CA SER F 28 -14.06 38.40 -20.36
C SER F 28 -14.54 38.03 -18.97
N PHE F 29 -15.34 36.96 -18.91
CA PHE F 29 -15.96 36.61 -17.65
C PHE F 29 -16.44 35.17 -17.71
N SER F 30 -16.45 34.54 -16.55
CA SER F 30 -17.07 33.24 -16.36
C SER F 30 -18.07 33.42 -15.24
N SER F 31 -19.31 33.14 -15.51
CA SER F 31 -20.32 33.28 -14.49
C SER F 31 -20.72 31.94 -13.89
N ALA F 32 -20.13 30.84 -14.37
CA ALA F 32 -20.49 29.51 -13.90
C ALA F 32 -19.26 28.74 -13.41
N GLY F 33 -19.42 27.43 -13.21
CA GLY F 33 -18.35 26.59 -12.70
C GLY F 33 -17.21 26.39 -13.67
N GLY F 34 -16.71 25.17 -13.75
CA GLY F 34 -15.57 24.90 -14.58
C GLY F 34 -15.87 24.99 -16.06
N GLN F 35 -15.61 26.16 -16.67
CA GLN F 35 -15.76 26.34 -18.10
C GLN F 35 -14.40 26.24 -18.79
N ARG F 36 -14.37 25.55 -19.93
CA ARG F 36 -13.10 25.41 -20.65
C ARG F 36 -12.61 26.74 -21.23
N THR F 37 -13.45 27.78 -21.27
CA THR F 37 -13.06 29.07 -21.83
C THR F 37 -14.01 30.15 -21.32
N CYS F 38 -13.47 31.36 -21.20
CA CYS F 38 -14.29 32.51 -20.82
C CYS F 38 -15.06 33.04 -22.03
N ASP F 39 -16.13 33.76 -21.74
CA ASP F 39 -16.94 34.44 -22.74
C ASP F 39 -16.56 35.91 -22.78
N ILE F 40 -16.82 36.56 -23.92
CA ILE F 40 -16.37 37.93 -24.13
C ILE F 40 -17.37 38.91 -23.49
N CYS F 41 -16.85 39.90 -22.78
CA CYS F 41 -17.67 40.91 -22.12
C CYS F 41 -18.42 41.75 -23.14
N ARG F 42 -19.76 41.78 -23.03
CA ARG F 42 -20.54 42.68 -23.87
C ARG F 42 -20.13 44.12 -23.61
N GLN F 43 -19.98 44.89 -24.69
CA GLN F 43 -19.51 46.27 -24.62
C GLN F 43 -20.70 47.22 -24.82
N CYS F 44 -20.92 48.07 -23.82
CA CYS F 44 -21.94 49.11 -23.91
C CYS F 44 -21.24 50.37 -24.41
N LYS F 45 -21.06 50.43 -25.72
CA LYS F 45 -20.54 51.61 -26.41
C LYS F 45 -21.55 52.03 -27.48
N GLY F 46 -21.40 53.25 -27.96
CA GLY F 46 -22.24 53.74 -29.05
C GLY F 46 -23.55 54.32 -28.53
N VAL F 47 -24.67 53.73 -28.96
CA VAL F 47 -25.96 54.14 -28.42
C VAL F 47 -26.18 53.65 -27.00
N PHE F 48 -25.31 52.77 -26.49
CA PHE F 48 -25.49 52.09 -25.21
C PHE F 48 -24.62 52.70 -24.12
N ARG F 49 -25.06 52.54 -22.87
CA ARG F 49 -24.34 53.01 -21.69
C ARG F 49 -24.19 51.86 -20.71
N THR F 50 -23.14 51.93 -19.88
CA THR F 50 -22.84 50.84 -18.95
C THR F 50 -23.69 51.02 -17.69
N ARG F 51 -24.67 50.13 -17.51
CA ARG F 51 -25.45 50.11 -16.26
C ARG F 51 -24.65 49.45 -15.15
N LYS F 52 -24.22 48.20 -15.36
CA LYS F 52 -23.28 47.49 -14.48
C LYS F 52 -22.04 47.16 -15.29
N GLU F 53 -20.90 47.75 -14.90
CA GLU F 53 -19.64 47.44 -15.57
C GLU F 53 -19.30 45.96 -15.38
N CYS F 54 -18.71 45.35 -16.41
CA CYS F 54 -18.50 43.91 -16.37
C CYS F 54 -17.32 43.57 -15.47
N SER F 55 -17.49 42.51 -14.68
CA SER F 55 -16.57 41.97 -13.71
C SER F 55 -15.87 40.76 -14.30
N SER F 56 -15.31 39.90 -13.44
CA SER F 56 -14.85 38.61 -13.89
C SER F 56 -15.88 37.52 -13.68
N THR F 57 -16.82 37.73 -12.75
CA THR F 57 -17.90 36.80 -12.48
C THR F 57 -19.21 37.17 -13.18
N SER F 58 -19.36 38.44 -13.59
CA SER F 58 -20.62 38.98 -14.09
C SER F 58 -20.43 39.63 -15.46
N ASN F 59 -21.36 39.37 -16.38
CA ASN F 59 -21.39 40.07 -17.65
C ASN F 59 -21.86 41.51 -17.47
N ALA F 60 -21.44 42.37 -18.40
CA ALA F 60 -21.88 43.76 -18.40
C ALA F 60 -23.39 43.83 -18.69
N GLU F 61 -24.05 44.79 -18.05
CA GLU F 61 -25.46 45.07 -18.31
C GLU F 61 -25.55 46.45 -18.96
N CYS F 62 -26.17 46.50 -20.13
CA CYS F 62 -26.31 47.73 -20.90
C CYS F 62 -27.65 48.41 -20.58
N ASP F 63 -27.65 49.73 -20.68
CA ASP F 63 -28.91 50.47 -20.76
C ASP F 63 -28.77 51.55 -21.81
N CYS F 64 -29.90 52.01 -22.33
CA CYS F 64 -29.92 52.90 -23.48
C CYS F 64 -29.41 54.29 -23.11
N THR F 65 -29.33 55.12 -24.11
CA THR F 65 -28.90 56.50 -23.98
C THR F 65 -30.08 57.39 -23.61
N PRO F 66 -29.82 58.51 -22.88
CA PRO F 66 -30.91 59.38 -22.44
C PRO F 66 -31.88 59.81 -23.54
N GLY F 67 -33.14 59.46 -23.38
CA GLY F 67 -34.15 59.71 -24.39
C GLY F 67 -34.65 58.46 -25.05
N PHE F 68 -34.05 57.33 -24.71
CA PHE F 68 -34.37 56.03 -25.30
C PHE F 68 -34.50 55.01 -24.18
N HIS F 69 -35.12 53.89 -24.50
CA HIS F 69 -35.35 52.84 -23.52
C HIS F 69 -35.05 51.47 -24.13
N CYS F 70 -34.45 50.60 -23.30
CA CYS F 70 -34.09 49.25 -23.70
C CYS F 70 -35.32 48.47 -24.16
N LEU F 71 -35.14 47.66 -25.20
CA LEU F 71 -36.29 46.99 -25.80
C LEU F 71 -36.20 45.48 -25.66
N GLY F 72 -35.15 44.86 -26.17
CA GLY F 72 -35.05 43.41 -26.15
C GLY F 72 -34.67 42.88 -24.78
N ALA F 73 -34.57 41.55 -24.71
CA ALA F 73 -34.14 40.88 -23.50
C ALA F 73 -32.67 41.19 -23.24
N GLY F 74 -32.37 41.69 -22.05
CA GLY F 74 -31.01 42.11 -21.76
C GLY F 74 -30.57 43.36 -22.50
N CYS F 75 -31.50 44.24 -22.86
CA CYS F 75 -31.24 45.50 -23.58
C CYS F 75 -30.62 45.26 -24.95
N SER F 76 -31.41 44.58 -25.77
CA SER F 76 -30.97 44.28 -27.13
C SER F 76 -30.76 45.53 -27.98
N MET F 77 -31.76 46.42 -28.04
CA MET F 77 -31.72 47.62 -28.84
C MET F 77 -32.35 48.77 -28.06
N CYS F 78 -32.36 49.96 -28.67
CA CYS F 78 -32.89 51.20 -28.13
C CYS F 78 -34.10 51.65 -28.96
N GLU F 79 -35.29 51.71 -28.32
CA GLU F 79 -36.47 52.37 -28.85
C GLU F 79 -36.55 53.80 -28.32
N GLN F 80 -37.36 54.63 -28.98
CA GLN F 80 -37.45 56.05 -28.67
C GLN F 80 -38.49 56.33 -27.57
N ASP F 81 -38.09 57.14 -26.58
CA ASP F 81 -39.01 57.60 -25.55
C ASP F 81 -40.03 58.57 -26.14
N CYS F 82 -41.29 58.42 -25.74
CA CYS F 82 -42.31 59.44 -25.87
C CYS F 82 -42.55 60.07 -24.48
N LYS F 83 -43.37 61.11 -24.43
CA LYS F 83 -43.77 61.68 -23.15
C LYS F 83 -44.98 60.92 -22.60
N GLN F 84 -45.32 61.24 -21.35
CA GLN F 84 -46.50 60.67 -20.75
C GLN F 84 -47.74 61.21 -21.44
N GLY F 85 -48.72 60.34 -21.64
CA GLY F 85 -49.85 60.72 -22.45
C GLY F 85 -49.61 60.65 -23.94
N GLN F 86 -48.62 59.88 -24.38
CA GLN F 86 -48.31 59.67 -25.80
C GLN F 86 -48.04 58.20 -26.05
N GLU F 87 -48.19 57.78 -27.31
CA GLU F 87 -47.76 56.47 -27.81
C GLU F 87 -46.85 56.66 -29.02
N LEU F 88 -46.11 55.61 -29.36
CA LEU F 88 -45.22 55.63 -30.53
C LEU F 88 -45.89 54.93 -31.71
N THR F 89 -46.13 55.69 -32.79
CA THR F 89 -46.77 55.19 -34.00
C THR F 89 -45.76 55.19 -35.15
N LYS F 90 -46.20 54.71 -36.31
CA LYS F 90 -45.36 54.83 -37.50
C LYS F 90 -45.02 56.29 -37.78
N LYS F 91 -45.90 57.21 -37.40
CA LYS F 91 -45.72 58.64 -37.65
C LYS F 91 -44.98 59.37 -36.52
N GLY F 92 -44.47 58.67 -35.51
CA GLY F 92 -43.80 59.29 -34.39
C GLY F 92 -44.62 59.26 -33.11
N CYS F 93 -44.25 60.14 -32.18
CA CYS F 93 -44.94 60.24 -30.90
C CYS F 93 -46.23 61.05 -31.07
N LYS F 94 -47.40 60.40 -30.92
CA LYS F 94 -48.70 61.09 -31.03
C LYS F 94 -49.47 61.01 -29.72
N ASP F 95 -50.20 62.08 -29.36
CA ASP F 95 -51.00 62.09 -28.14
C ASP F 95 -52.01 60.93 -28.10
N CYS F 96 -52.41 60.55 -26.90
CA CYS F 96 -53.44 59.52 -26.74
C CYS F 96 -54.80 60.13 -27.05
N CYS F 97 -55.62 59.41 -27.81
CA CYS F 97 -56.91 59.98 -28.12
C CYS F 97 -57.79 59.93 -26.87
N PHE F 98 -58.86 60.73 -26.88
CA PHE F 98 -59.69 60.91 -25.69
C PHE F 98 -60.20 59.58 -25.17
N GLY F 99 -60.12 59.39 -23.85
CA GLY F 99 -60.56 58.16 -23.23
C GLY F 99 -59.50 57.10 -23.04
N THR F 100 -58.24 57.40 -23.37
CA THR F 100 -57.12 56.51 -23.09
C THR F 100 -55.97 57.30 -22.50
N PHE F 101 -55.03 56.57 -21.91
CA PHE F 101 -53.92 57.18 -21.20
C PHE F 101 -52.68 56.29 -21.29
N ASN F 102 -51.52 56.92 -21.08
CA ASN F 102 -50.26 56.21 -20.95
C ASN F 102 -49.45 56.95 -19.89
N ASP F 103 -49.26 56.31 -18.74
CA ASP F 103 -48.53 56.91 -17.62
C ASP F 103 -47.01 56.73 -17.73
N GLN F 104 -46.52 56.07 -18.79
CA GLN F 104 -45.12 55.75 -18.94
C GLN F 104 -44.57 56.39 -20.20
N LYS F 105 -43.25 56.59 -20.24
CA LYS F 105 -42.58 57.11 -21.42
C LYS F 105 -42.38 56.06 -22.51
N ARG F 106 -42.92 54.87 -22.34
CA ARG F 106 -42.90 53.83 -23.36
C ARG F 106 -44.28 53.20 -23.43
N GLY F 107 -44.52 52.44 -24.49
CA GLY F 107 -45.68 51.58 -24.52
C GLY F 107 -46.86 52.19 -25.24
N ILE F 108 -47.99 51.51 -25.04
CA ILE F 108 -49.24 51.81 -25.73
C ILE F 108 -50.12 52.70 -24.85
N CYS F 109 -51.15 53.30 -25.45
CA CYS F 109 -52.23 53.93 -24.71
C CYS F 109 -53.30 52.89 -24.41
N ARG F 110 -53.56 52.67 -23.11
CA ARG F 110 -54.60 51.83 -22.56
C ARG F 110 -55.85 52.67 -22.23
N PRO F 111 -57.03 52.07 -22.29
CA PRO F 111 -58.26 52.83 -22.04
C PRO F 111 -58.52 53.06 -20.56
N TRP F 112 -59.14 54.20 -20.25
CA TRP F 112 -59.57 54.48 -18.89
C TRP F 112 -60.43 53.34 -18.36
N THR F 113 -60.40 53.13 -17.05
CA THR F 113 -61.23 52.12 -16.44
C THR F 113 -62.62 52.69 -16.15
N ASN F 114 -63.60 51.80 -16.14
CA ASN F 114 -64.99 52.16 -15.86
C ASN F 114 -65.24 51.85 -14.39
N CYS F 115 -65.59 52.87 -13.63
CA CYS F 115 -65.70 52.71 -12.19
C CYS F 115 -67.10 52.16 -11.83
N SER F 116 -68.09 52.54 -12.62
CA SER F 116 -69.47 52.16 -12.32
C SER F 116 -69.66 50.65 -12.35
N LEU F 117 -68.82 49.94 -13.11
CA LEU F 117 -68.97 48.48 -13.20
C LEU F 117 -68.69 47.80 -11.86
N ASP F 118 -67.78 48.35 -11.06
CA ASP F 118 -67.65 47.88 -9.69
C ASP F 118 -68.53 48.68 -8.73
N GLY F 119 -69.24 49.69 -9.24
CA GLY F 119 -70.20 50.43 -8.45
C GLY F 119 -69.67 51.66 -7.79
N LYS F 120 -68.47 52.11 -8.15
CA LYS F 120 -67.78 53.22 -7.51
C LYS F 120 -68.00 54.48 -8.31
N SER F 121 -67.86 55.62 -7.65
CA SER F 121 -67.94 56.89 -8.37
C SER F 121 -66.60 57.12 -9.07
N VAL F 122 -66.32 58.36 -9.51
CA VAL F 122 -65.06 58.73 -10.14
C VAL F 122 -64.56 59.95 -9.38
N LEU F 123 -63.52 59.78 -8.55
CA LEU F 123 -63.09 60.86 -7.68
C LEU F 123 -62.37 61.92 -8.51
N VAL F 124 -61.52 61.48 -9.42
CA VAL F 124 -60.86 62.37 -10.37
C VAL F 124 -60.91 61.68 -11.74
N ASN F 125 -61.23 62.44 -12.78
CA ASN F 125 -61.33 61.77 -14.05
C ASN F 125 -60.01 61.81 -14.81
N GLY F 126 -59.98 61.00 -15.85
CA GLY F 126 -58.73 60.65 -16.48
C GLY F 126 -58.14 61.77 -17.31
N THR F 127 -56.83 61.76 -17.41
CA THR F 127 -56.11 62.65 -18.30
C THR F 127 -55.52 61.78 -19.41
N LYS F 128 -54.72 62.41 -20.28
CA LYS F 128 -53.86 61.63 -21.16
C LYS F 128 -52.80 60.91 -20.35
N GLU F 129 -52.30 61.54 -19.28
CA GLU F 129 -51.18 61.05 -18.47
C GLU F 129 -51.57 60.10 -17.35
N ARG F 130 -52.81 60.16 -16.85
CA ARG F 130 -53.18 59.39 -15.67
C ARG F 130 -54.54 58.73 -15.87
N ASP F 131 -54.77 57.64 -15.14
CA ASP F 131 -56.04 56.94 -15.19
C ASP F 131 -57.07 57.62 -14.27
N VAL F 132 -58.36 57.34 -14.53
CA VAL F 132 -59.39 57.70 -13.56
C VAL F 132 -59.13 56.96 -12.26
N VAL F 133 -59.29 57.65 -11.14
CA VAL F 133 -59.25 57.03 -9.82
C VAL F 133 -60.70 56.84 -9.38
N CYS F 134 -61.04 55.62 -9.02
CA CYS F 134 -62.41 55.33 -8.69
C CYS F 134 -62.58 55.35 -7.16
N GLY F 135 -63.79 55.70 -6.73
CA GLY F 135 -64.01 55.92 -5.33
C GLY F 135 -64.12 54.64 -4.56
N PRO F 136 -64.63 54.79 -3.35
CA PRO F 136 -64.73 53.67 -2.41
C PRO F 136 -65.79 52.70 -2.90
N SER F 137 -65.45 51.41 -2.85
CA SER F 137 -66.33 50.37 -3.33
C SER F 137 -67.54 50.22 -2.41
N PRO F 138 -68.66 49.68 -2.93
CA PRO F 138 -69.80 49.37 -2.05
C PRO F 138 -69.55 48.20 -1.12
N GLU F 139 -68.29 48.01 -0.71
CA GLU F 139 -67.98 47.07 0.35
C GLU F 139 -68.20 47.70 1.72
N ASN F 140 -67.88 48.98 1.88
CA ASN F 140 -68.03 49.69 3.15
C ASN F 140 -69.37 50.42 3.22
N LEU F 141 -69.86 50.60 4.45
CA LEU F 141 -71.16 51.24 4.73
C LEU F 141 -71.20 51.94 6.09
C1 NAG G . 75.97 -34.98 2.27
C2 NAG G . 76.63 -34.12 1.17
C3 NAG G . 78.15 -34.41 1.10
C4 NAG G . 78.78 -34.33 2.48
C5 NAG G . 77.98 -35.20 3.45
C6 NAG G . 78.44 -35.16 4.88
C7 NAG G . 75.79 -33.42 -1.04
C8 NAG G . 75.21 -33.87 -2.34
N2 NAG G . 76.02 -34.37 -0.14
O3 NAG G . 78.83 -33.53 0.20
O4 NAG G . 80.12 -34.84 2.43
O5 NAG G . 76.62 -34.77 3.47
O6 NAG G . 77.35 -35.51 5.72
O7 NAG G . 76.05 -32.23 -0.82
C1 NAG G . 81.06 -34.01 3.19
C2 NAG G . 82.19 -34.86 3.80
C3 NAG G . 83.18 -33.95 4.54
C4 NAG G . 83.65 -32.79 3.66
C5 NAG G . 82.44 -32.10 3.01
C6 NAG G . 82.81 -31.05 1.98
C7 NAG G . 81.69 -37.18 4.39
C8 NAG G . 81.16 -38.11 5.45
N2 NAG G . 81.69 -35.88 4.70
O3 NAG G . 84.28 -34.72 4.99
O4 NAG G . 84.27 -31.84 4.52
O5 NAG G . 81.61 -33.05 2.32
O6 NAG G . 81.66 -30.73 1.19
O7 NAG G . 82.08 -37.59 3.31
C1 BMA G . 85.72 -31.54 4.54
C2 BMA G . 86.65 -32.81 4.51
C3 BMA G . 88.07 -32.32 4.81
C4 BMA G . 88.51 -31.18 3.81
C5 BMA G . 87.42 -30.06 3.66
C6 BMA G . 87.70 -29.05 2.55
O2 BMA G . 86.71 -33.39 3.22
O3 BMA G . 89.01 -33.39 4.82
O4 BMA G . 89.74 -30.61 4.24
O5 BMA G . 86.13 -30.68 3.42
O6 BMA G . 88.40 -27.93 3.09
C1 FUC G . 79.16 -34.23 -1.05
C2 FUC G . 79.98 -33.21 -1.92
C3 FUC G . 81.51 -33.21 -1.61
C4 FUC G . 82.12 -34.63 -1.51
C5 FUC G . 81.30 -35.48 -0.53
C6 FUC G . 81.76 -36.93 -0.47
O2 FUC G . 79.46 -31.88 -1.78
O3 FUC G . 82.22 -32.50 -2.61
O4 FUC G . 82.20 -35.27 -2.78
O5 FUC G . 79.87 -35.49 -0.85
C1 FUC G . 77.56 -36.86 6.18
C2 FUC G . 76.93 -36.93 7.61
C3 FUC G . 75.39 -37.08 7.57
C4 FUC G . 74.90 -38.09 6.47
C5 FUC G . 75.59 -37.82 5.14
C6 FUC G . 75.29 -38.90 4.13
O2 FUC G . 77.27 -35.79 8.37
O3 FUC G . 74.88 -37.49 8.88
O4 FUC G . 75.20 -39.41 6.82
O5 FUC G . 77.02 -37.81 5.29
C1 NAG H . -65.02 65.11 -15.15
C2 NAG H . -64.86 66.63 -15.17
C3 NAG H . -66.23 67.28 -15.41
C4 NAG H . -66.94 66.67 -16.61
C5 NAG H . -66.92 65.14 -16.48
C6 NAG H . -67.50 64.44 -17.67
C7 NAG H . -63.25 67.97 -13.88
C8 NAG H . -62.85 68.40 -12.51
N2 NAG H . -64.29 67.12 -13.94
O3 NAG H . -66.20 68.69 -15.56
O4 NAG H . -68.30 67.04 -16.61
O5 NAG H . -65.58 64.69 -16.34
O6 NAG H . -67.24 63.05 -17.57
O7 NAG H . -62.67 68.34 -14.89
C1 FUC H . -66.77 69.11 -14.28
C2 FUC H . -66.51 70.63 -14.19
C3 FUC H . -67.65 71.49 -14.77
C4 FUC H . -69.06 70.97 -14.37
C5 FUC H . -69.20 69.51 -14.75
C6 FUC H . -70.52 68.91 -14.29
O2 FUC H . -65.26 70.98 -14.81
O3 FUC H . -67.56 72.82 -14.29
O4 FUC H . -69.26 71.12 -12.96
O5 FUC H . -68.18 68.71 -14.15
C1 NAG H . -68.64 67.66 -17.87
C2 NAG H . -70.14 67.57 -18.11
C3 NAG H . -70.46 68.24 -19.44
C4 NAG H . -69.93 69.67 -19.47
C5 NAG H . -68.46 69.75 -19.01
C6 NAG H . -68.06 71.17 -18.69
C7 NAG H . -71.28 65.67 -17.06
C8 NAG H . -71.71 64.24 -17.19
N2 NAG H . -70.62 66.20 -18.09
O3 NAG H . -71.87 68.26 -19.65
O4 NAG H . -70.03 70.17 -20.79
O5 NAG H . -68.24 69.01 -17.81
O6 NAG H . -68.92 71.72 -17.70
O7 NAG H . -71.53 66.33 -16.05
C1 FUC H . -68.41 62.38 -17.07
C2 FUC H . -68.39 61.09 -17.85
C3 FUC H . -67.12 60.25 -17.48
C4 FUC H . -66.97 60.13 -15.96
C5 FUC H . -67.11 61.51 -15.27
C6 FUC H . -67.06 61.46 -13.74
O2 FUC H . -68.42 61.35 -19.25
O3 FUC H . -67.18 58.91 -18.02
O4 FUC H . -68.00 59.30 -15.50
O5 FUC H . -68.33 62.17 -15.67
C1 GOL I . 6.22 -6.16 15.09
O1 GOL I . 5.03 -6.01 14.34
C2 GOL I . 6.10 -5.30 16.38
O2 GOL I . 6.94 -4.18 16.37
C3 GOL I . 6.39 -6.24 17.57
O3 GOL I . 6.32 -5.47 18.73
C1 MLI J . -2.45 10.76 -21.65
C2 MLI J . -3.23 10.31 -20.41
C3 MLI J . -3.17 11.92 -22.35
O6 MLI J . -3.43 9.07 -20.22
O7 MLI J . -3.68 11.17 -19.60
O8 MLI J . -2.72 13.09 -22.22
O9 MLI J . -4.21 11.72 -23.04
C1 MLI K . 13.38 -0.41 -9.59
C2 MLI K . 13.72 -1.39 -10.73
C3 MLI K . 14.63 0.25 -8.98
O6 MLI K . 12.80 -1.89 -11.44
O7 MLI K . 14.92 -1.69 -10.96
O8 MLI K . 15.02 1.37 -9.41
O9 MLI K . 15.27 -0.31 -8.05
N1 EPE L . 74.57 -41.35 12.08
C2 EPE L . 75.13 -39.89 12.30
C3 EPE L . 76.56 -40.26 12.82
N4 EPE L . 76.35 -40.83 14.23
C5 EPE L . 75.70 -42.21 14.23
C6 EPE L . 74.29 -41.87 13.53
C7 EPE L . 77.15 -40.29 15.46
C8 EPE L . 77.07 -41.37 16.65
O8 EPE L . 78.00 -42.56 16.34
C9 EPE L . 73.34 -41.12 11.16
C10 EPE L . 74.00 -40.49 9.89
S EPE L . 72.64 -40.94 8.74
O1S EPE L . 71.28 -40.11 8.99
O2S EPE L . 73.39 -40.65 7.32
O3S EPE L . 72.22 -42.46 9.00
N1 EPE M . -69.47 54.99 -18.70
C2 EPE M . -70.43 53.79 -18.88
C3 EPE M . -70.94 53.90 -20.38
N4 EPE M . -71.71 55.21 -20.51
C5 EPE M . -70.98 56.49 -20.14
C6 EPE M . -70.34 56.28 -18.76
C7 EPE M . -72.68 55.40 -21.66
C8 EPE M . -73.20 56.91 -21.72
O8 EPE M . -74.63 56.68 -22.17
C9 EPE M . -68.79 55.02 -17.26
C10 EPE M . -68.62 56.55 -16.82
S EPE M . -67.52 56.21 -15.34
O1S EPE M . -67.64 57.59 -14.45
O2S EPE M . -68.38 54.91 -14.70
O3S EPE M . -66.04 55.48 -15.52
#